data_2HXC
#
_entry.id   2HXC
#
_cell.length_a   70.792
_cell.length_b   88.593
_cell.length_c   79.989
_cell.angle_alpha   90.000
_cell.angle_beta   90.300
_cell.angle_gamma   90.000
#
_symmetry.space_group_name_H-M   'P 1 21 1'
#
loop_
_entity.id
_entity.type
_entity.pdbx_description
1 polymer 'Aromatic amine dehydrogenase'
2 polymer 'Aromatic amine dehydrogenase'
3 non-polymer BENZYLAMINE
4 water water
#
loop_
_entity_poly.entity_id
_entity_poly.type
_entity_poly.pdbx_seq_one_letter_code
_entity_poly.pdbx_strand_id
1 'polypeptide(L)'
;AGGGGSSSGADHISLNPDLANEDEVNSCDYWRHCAVDGFLCSCCGGTTTTCPPGSTPSPIS(TTQ)IGTCHNPHDGKDYL
ISYHDCCGKTACGRCQCNTQTRERPGYEFFLHNDVNWCMANENSTFHCTTSVLVGLAKN
;
D,H
2 'polypeptide(L)'
;REVLTGGHSVSAPQENRIYVMDSVFMHLTESRVHVYDYTNGKFLGMVPTAFNGHVQVSNDGKKIYTMTTYHERITRGKRS
DVVEVWDADKLTFEKEISLPPKRVQGLNYDGLFRQTTDGKFIVLQNASPATSIGIVDVAKGDYVEDVTAAAGCWSVIPQP
NRPRSFMTICGDGGLLTINLGEDGKVASQSRSKQMFSVADDPIFIAPALDKDKAHFVSYYGNVYSADFSGDEVKVDGPWS
LLNDEDKAKNWVPGGYNLVGLHRASGRMYVFMHPDGKEGTHKFPAAEIWVMDTKTKQRVARIPGRDALSMTIDQQRNLML
TLDGGNVNVYDISQPEPKLLRTIEGAAEASLQVQFHPVGGT
;
A,B
#
loop_
_chem_comp.id
_chem_comp.type
_chem_comp.name
_chem_comp.formula
ABN non-polymer BENZYLAMINE 'C7 H9 N'
#
# COMPACT_ATOMS: atom_id res chain seq x y z
CA GLU A 24 26.26 -10.05 -5.25
C GLU A 24 25.29 -9.42 -6.24
N VAL A 25 24.50 -10.23 -6.92
CA VAL A 25 23.54 -9.74 -7.90
C VAL A 25 22.37 -9.02 -7.23
N ASN A 26 22.16 -9.30 -5.94
CA ASN A 26 21.03 -8.70 -5.20
C ASN A 26 21.36 -7.32 -4.62
N SER A 27 22.56 -6.82 -4.92
CA SER A 27 23.01 -5.51 -4.49
C SER A 27 22.80 -4.48 -5.59
N CYS A 28 22.38 -3.27 -5.19
CA CYS A 28 22.23 -2.17 -6.13
C CYS A 28 23.56 -1.78 -6.78
N ASP A 29 24.68 -2.18 -6.16
CA ASP A 29 26.01 -1.85 -6.70
C ASP A 29 26.52 -2.83 -7.74
N TYR A 30 25.81 -3.94 -7.95
CA TYR A 30 26.19 -4.87 -8.98
C TYR A 30 26.23 -4.14 -10.32
N TRP A 31 27.28 -4.39 -11.11
CA TRP A 31 27.60 -3.52 -12.22
C TRP A 31 26.47 -3.37 -13.25
N ARG A 32 25.70 -4.45 -13.47
CA ARG A 32 24.63 -4.45 -14.45
C ARG A 32 23.45 -3.58 -14.07
N HIS A 33 23.35 -3.25 -12.80
CA HIS A 33 22.18 -2.52 -12.28
C HIS A 33 22.35 -1.01 -12.28
N CYS A 34 23.18 -0.49 -13.19
CA CYS A 34 23.61 0.89 -13.10
C CYS A 34 22.53 1.95 -13.40
N ALA A 35 21.41 1.54 -13.99
CA ALA A 35 20.28 2.44 -14.25
C ALA A 35 18.94 1.84 -13.80
N VAL A 36 18.95 1.00 -12.76
CA VAL A 36 17.70 0.47 -12.18
C VAL A 36 17.02 1.50 -11.26
N ASP A 37 15.76 1.82 -11.59
CA ASP A 37 14.84 2.50 -10.69
C ASP A 37 13.69 1.51 -10.46
N GLY A 38 13.75 0.80 -9.37
CA GLY A 38 12.78 -0.25 -9.10
C GLY A 38 13.28 -1.28 -8.13
N PHE A 39 12.64 -2.43 -8.10
CA PHE A 39 13.03 -3.55 -7.22
C PHE A 39 13.72 -4.61 -8.06
N LEU A 40 14.87 -5.10 -7.59
CA LEU A 40 15.57 -6.12 -8.36
C LEU A 40 14.79 -7.43 -8.39
N CYS A 41 14.46 -7.93 -9.58
CA CYS A 41 13.68 -9.18 -9.66
C CYS A 41 14.38 -10.36 -9.02
N SER A 42 15.71 -10.35 -8.97
CA SER A 42 16.44 -11.44 -8.35
C SER A 42 16.17 -11.59 -6.85
N CYS A 43 15.60 -10.55 -6.24
CA CYS A 43 15.21 -10.57 -4.83
C CYS A 43 13.73 -10.92 -4.66
N CYS A 44 13.06 -11.16 -5.78
CA CYS A 44 11.59 -11.23 -5.84
C CYS A 44 11.10 -12.59 -6.34
N GLY A 45 11.95 -13.61 -6.28
CA GLY A 45 11.59 -14.91 -6.77
C GLY A 45 11.91 -15.14 -8.23
N GLY A 46 12.53 -14.13 -8.86
CA GLY A 46 13.00 -14.22 -10.24
C GLY A 46 14.50 -14.25 -10.27
N THR A 47 15.05 -13.88 -11.42
CA THR A 47 16.49 -13.70 -11.56
C THR A 47 16.76 -12.41 -12.31
N THR A 48 18.03 -12.14 -12.60
CA THR A 48 18.37 -10.95 -13.34
C THR A 48 17.74 -10.91 -14.72
N THR A 49 17.39 -12.08 -15.27
CA THR A 49 16.85 -12.15 -16.63
C THR A 49 15.55 -12.94 -16.75
N THR A 50 14.90 -13.23 -15.62
CA THR A 50 13.65 -13.94 -15.65
C THR A 50 12.70 -13.28 -14.65
N CYS A 51 11.45 -13.15 -15.06
CA CYS A 51 10.42 -12.60 -14.17
C CYS A 51 10.05 -13.60 -13.11
N PRO A 52 9.77 -13.11 -11.90
CA PRO A 52 9.20 -13.99 -10.91
C PRO A 52 7.94 -14.69 -11.43
N PRO A 53 7.62 -15.87 -10.89
CA PRO A 53 6.44 -16.58 -11.35
C PRO A 53 5.18 -15.69 -11.35
N GLY A 54 4.45 -15.71 -12.45
CA GLY A 54 3.17 -15.01 -12.54
C GLY A 54 3.28 -13.55 -12.85
N SER A 55 4.47 -13.05 -13.13
CA SER A 55 4.66 -11.67 -13.60
C SER A 55 5.16 -11.70 -15.03
N THR A 56 4.73 -10.72 -15.81
CA THR A 56 4.87 -10.74 -17.26
C THR A 56 5.95 -9.76 -17.70
N PRO A 57 6.89 -10.19 -18.57
CA PRO A 57 7.89 -9.27 -19.06
C PRO A 57 7.34 -8.12 -19.90
N SER A 58 7.90 -6.92 -19.77
CA SER A 58 7.58 -5.84 -20.69
C SER A 58 8.33 -6.03 -22.02
N PRO A 59 7.66 -5.76 -23.14
CA PRO A 59 8.33 -5.82 -24.45
C PRO A 59 9.23 -4.63 -24.73
N ILE A 60 9.09 -3.60 -23.91
CA ILE A 60 9.80 -2.37 -24.04
C ILE A 60 10.56 -2.13 -22.75
N SER A 61 11.52 -1.23 -22.77
CA SER A 61 12.40 -1.03 -21.63
C SER A 61 13.12 0.27 -21.78
N TTQ A 62 13.72 0.73 -20.69
CA TTQ A 62 14.76 1.70 -20.80
C TTQ A 62 16.12 0.99 -20.87
O TTQ A 62 16.24 -0.18 -20.50
CB TTQ A 62 14.70 2.71 -19.66
CB TTQ A 62 14.69 2.75 -19.69
CG TTQ A 62 14.74 2.21 -18.17
CG TTQ A 62 14.82 2.21 -18.30
CD1 TTQ A 62 15.89 2.06 -17.43
CD1 TTQ A 62 16.01 2.02 -17.64
CD2 TTQ A 62 13.64 1.95 -17.23
CD2 TTQ A 62 13.77 1.84 -17.35
NE1 TTQ A 62 15.59 1.72 -16.14
NE1 TTQ A 62 15.79 1.55 -16.38
CE2 TTQ A 62 14.23 1.64 -15.99
CE2 TTQ A 62 14.45 1.43 -16.16
CE3 TTQ A 62 12.21 1.92 -17.31
CE3 TTQ A 62 12.34 1.80 -17.36
CZ2 TTQ A 62 13.47 1.35 -14.85
CZ2 TTQ A 62 13.77 0.99 -15.03
CZ3 TTQ A 62 11.50 1.63 -16.20
CZ3 TTQ A 62 11.69 1.36 -16.21
CH2 TTQ A 62 12.09 1.34 -14.99
CH2 TTQ A 62 12.41 0.96 -15.05
O2 TTQ A 62 14.06 1.06 -13.67
O2 TTQ A 62 14.42 0.62 -13.91
N2 TTQ A 62 11.71 0.50 -13.90
N ILE A 63 17.11 1.70 -21.40
CA ILE A 63 18.44 1.11 -21.68
C ILE A 63 19.46 1.86 -20.88
N GLY A 64 20.40 1.11 -20.30
CA GLY A 64 21.54 1.71 -19.62
C GLY A 64 22.84 1.32 -20.29
N THR A 65 23.83 2.18 -20.21
CA THR A 65 25.19 1.81 -20.57
C THR A 65 25.98 1.70 -19.29
N CYS A 66 26.39 0.46 -18.96
CA CYS A 66 27.06 0.18 -17.69
C CYS A 66 28.46 -0.39 -17.91
N HIS A 67 29.35 0.03 -17.03
CA HIS A 67 30.73 -0.40 -17.09
C HIS A 67 30.91 -1.70 -16.31
N ASN A 68 31.50 -2.71 -16.96
CA ASN A 68 31.82 -3.97 -16.31
C ASN A 68 33.24 -3.87 -15.77
N PRO A 69 33.39 -3.83 -14.43
CA PRO A 69 34.73 -3.59 -13.90
C PRO A 69 35.62 -4.83 -14.02
N HIS A 70 35.07 -5.96 -14.41
CA HIS A 70 35.85 -7.17 -14.52
C HIS A 70 36.63 -7.21 -15.81
N ASP A 71 35.96 -6.99 -16.93
CA ASP A 71 36.63 -6.96 -18.23
C ASP A 71 36.92 -5.55 -18.74
N GLY A 72 36.45 -4.53 -18.03
CA GLY A 72 36.72 -3.14 -18.37
C GLY A 72 35.94 -2.60 -19.54
N LYS A 73 34.92 -3.35 -19.99
CA LYS A 73 34.12 -2.96 -21.15
C LYS A 73 32.75 -2.42 -20.73
N ASP A 74 32.18 -1.56 -21.56
CA ASP A 74 30.83 -1.02 -21.37
C ASP A 74 29.84 -1.86 -22.13
N TYR A 75 28.70 -2.11 -21.49
CA TYR A 75 27.65 -2.91 -22.07
C TYR A 75 26.31 -2.19 -22.03
N LEU A 76 25.51 -2.47 -23.04
CA LEU A 76 24.10 -2.09 -23.06
C LEU A 76 23.30 -3.08 -22.28
N ILE A 77 22.56 -2.54 -21.30
CA ILE A 77 21.67 -3.31 -20.45
C ILE A 77 20.23 -2.81 -20.71
N SER A 78 19.33 -3.77 -20.94
CA SER A 78 17.93 -3.45 -21.16
C SER A 78 17.14 -3.77 -19.89
N TYR A 79 16.50 -2.75 -19.33
CA TYR A 79 15.78 -2.84 -18.07
C TYR A 79 14.31 -3.05 -18.35
N HIS A 80 13.96 -4.31 -18.50
CA HIS A 80 12.59 -4.71 -18.72
C HIS A 80 11.95 -4.86 -17.37
N ASP A 81 10.74 -4.35 -17.24
CA ASP A 81 10.00 -4.57 -16.02
C ASP A 81 9.23 -5.89 -16.12
N CYS A 82 8.90 -6.42 -14.95
CA CYS A 82 7.97 -7.51 -14.82
C CYS A 82 6.71 -6.93 -14.23
N CYS A 83 5.59 -7.33 -14.80
CA CYS A 83 4.32 -6.60 -14.67
C CYS A 83 3.17 -7.51 -14.30
N GLY A 84 2.08 -6.91 -13.85
CA GLY A 84 0.88 -7.66 -13.57
C GLY A 84 0.81 -8.26 -12.18
N LYS A 85 1.73 -7.85 -11.33
CA LYS A 85 1.66 -8.09 -9.90
C LYS A 85 2.05 -6.81 -9.18
N THR A 86 1.58 -6.66 -7.96
CA THR A 86 1.88 -5.48 -7.17
C THR A 86 3.33 -5.44 -6.69
N ALA A 87 3.75 -4.30 -6.18
CA ALA A 87 5.16 -4.01 -5.96
C ALA A 87 5.86 -5.10 -5.15
N CYS A 88 6.98 -5.62 -5.66
CA CYS A 88 7.72 -6.62 -4.90
C CYS A 88 8.19 -6.09 -3.54
N GLY A 89 8.73 -4.87 -3.53
CA GLY A 89 9.14 -4.23 -2.29
C GLY A 89 10.54 -4.56 -1.80
N ARG A 90 11.25 -5.48 -2.45
CA ARG A 90 12.54 -5.93 -1.98
C ARG A 90 13.61 -5.42 -2.93
N CYS A 91 14.77 -5.09 -2.37
CA CYS A 91 15.93 -4.66 -3.16
C CYS A 91 15.62 -3.47 -4.04
N GLN A 92 15.05 -2.42 -3.44
CA GLN A 92 14.80 -1.20 -4.18
C GLN A 92 16.12 -0.52 -4.50
N CYS A 93 16.27 -0.16 -5.76
CA CYS A 93 17.42 0.62 -6.24
C CYS A 93 16.95 1.84 -6.98
N ASN A 94 17.81 2.87 -6.99
CA ASN A 94 17.54 4.10 -7.73
C ASN A 94 18.83 4.64 -8.34
N THR A 95 19.44 3.86 -9.22
CA THR A 95 20.74 4.20 -9.77
C THR A 95 20.54 4.84 -11.16
N GLN A 96 21.42 5.77 -11.52
CA GLN A 96 21.11 6.71 -12.56
C GLN A 96 22.25 6.92 -13.55
N THR A 97 23.15 5.97 -13.64
CA THR A 97 24.30 6.11 -14.54
C THR A 97 23.81 6.19 -15.99
N ARG A 98 24.15 7.30 -16.63
CA ARG A 98 23.84 7.56 -18.04
C ARG A 98 22.35 7.71 -18.35
N GLU A 99 21.55 7.87 -17.28
CA GLU A 99 20.10 8.08 -17.39
C GLU A 99 19.82 9.51 -17.81
N ARG A 100 18.83 9.68 -18.68
CA ARG A 100 18.48 10.99 -19.20
C ARG A 100 16.97 11.24 -19.14
N PRO A 101 16.54 12.50 -19.23
CA PRO A 101 15.11 12.79 -19.10
C PRO A 101 14.25 12.28 -20.25
N GLY A 102 12.95 12.52 -20.14
CA GLY A 102 12.01 11.87 -21.04
C GLY A 102 12.05 12.31 -22.50
N TYR A 103 12.76 13.41 -22.79
CA TYR A 103 13.02 13.79 -24.19
C TYR A 103 14.08 12.93 -24.83
N GLU A 104 14.73 12.04 -24.06
CA GLU A 104 15.51 10.91 -24.60
C GLU A 104 14.87 9.67 -24.00
N PHE A 105 13.67 9.37 -24.47
CA PHE A 105 12.72 8.54 -23.74
C PHE A 105 13.25 7.17 -23.34
N PHE A 106 13.95 6.48 -24.24
CA PHE A 106 14.39 5.14 -23.92
C PHE A 106 15.65 5.07 -23.07
N LEU A 107 16.17 6.23 -22.66
CA LEU A 107 17.25 6.30 -21.69
C LEU A 107 16.72 6.74 -20.32
N HIS A 108 15.40 6.82 -20.19
CA HIS A 108 14.75 7.45 -19.04
C HIS A 108 14.10 6.44 -18.10
N ASN A 109 14.39 6.56 -16.80
CA ASN A 109 13.89 5.55 -15.85
C ASN A 109 12.91 6.03 -14.78
N ASP A 110 12.32 7.22 -14.96
CA ASP A 110 11.26 7.69 -14.05
C ASP A 110 9.86 7.43 -14.60
N VAL A 111 9.79 6.56 -15.59
CA VAL A 111 8.51 6.07 -16.12
C VAL A 111 8.41 4.57 -15.92
N ASN A 112 7.17 4.08 -15.87
CA ASN A 112 6.89 2.68 -15.73
C ASN A 112 7.03 1.99 -17.05
N TRP A 113 8.07 1.18 -17.22
CA TRP A 113 8.30 0.51 -18.49
C TRP A 113 7.28 -0.67 -18.68
N CYS A 114 6.40 -0.89 -17.68
CA CYS A 114 5.20 -1.75 -17.84
C CYS A 114 4.03 -1.05 -18.53
N MET A 115 4.21 0.21 -18.94
CA MET A 115 3.08 1.06 -19.37
C MET A 115 2.25 0.50 -20.51
N ALA A 116 2.84 -0.37 -21.32
CA ALA A 116 2.15 -0.93 -22.50
C ALA A 116 1.76 -2.38 -22.34
N ASN A 117 1.98 -2.96 -21.17
CA ASN A 117 1.57 -4.34 -20.94
C ASN A 117 0.05 -4.47 -20.74
N GLU A 118 -0.45 -5.69 -20.87
CA GLU A 118 -1.85 -5.99 -20.65
C GLU A 118 -2.28 -5.52 -19.27
N ASN A 119 -1.40 -5.72 -18.29
CA ASN A 119 -1.55 -5.08 -16.99
C ASN A 119 -0.31 -4.33 -16.62
N SER A 120 -0.47 -3.05 -16.37
CA SER A 120 0.65 -2.14 -16.19
C SER A 120 1.16 -2.07 -14.75
N THR A 121 0.58 -2.83 -13.83
CA THR A 121 1.04 -2.78 -12.45
C THR A 121 2.47 -3.25 -12.37
N PHE A 122 3.30 -2.47 -11.73
CA PHE A 122 4.74 -2.71 -11.71
C PHE A 122 5.18 -3.62 -10.58
N HIS A 123 5.93 -4.70 -10.91
CA HIS A 123 6.33 -5.66 -9.91
C HIS A 123 7.80 -5.55 -9.56
N CYS A 124 8.65 -5.67 -10.57
CA CYS A 124 10.10 -5.59 -10.37
C CYS A 124 10.79 -5.34 -11.68
N THR A 125 12.10 -5.05 -11.61
CA THR A 125 12.90 -4.69 -12.78
C THR A 125 13.99 -5.75 -12.99
N THR A 126 14.17 -6.17 -14.24
CA THR A 126 15.27 -7.08 -14.66
C THR A 126 16.38 -6.23 -15.33
N SER A 127 17.56 -6.82 -15.44
CA SER A 127 18.74 -6.17 -16.03
C SER A 127 19.32 -7.10 -17.08
N VAL A 128 18.82 -6.99 -18.31
CA VAL A 128 19.11 -7.95 -19.38
C VAL A 128 20.27 -7.45 -20.23
N LEU A 129 21.31 -8.27 -20.35
CA LEU A 129 22.48 -7.90 -21.13
C LEU A 129 22.19 -8.02 -22.60
N VAL A 130 22.30 -6.90 -23.31
CA VAL A 130 22.06 -6.82 -24.75
C VAL A 130 23.35 -7.13 -25.51
N GLY A 131 24.41 -6.42 -25.15
CA GLY A 131 25.71 -6.64 -25.78
C GLY A 131 26.65 -5.50 -25.48
N LEU A 132 27.81 -5.49 -26.13
CA LEU A 132 28.77 -4.43 -25.97
C LEU A 132 28.22 -3.10 -26.44
N ALA A 133 28.51 -2.04 -25.71
CA ALA A 133 28.14 -0.69 -26.12
C ALA A 133 29.07 -0.23 -27.24
N GLU B 24 -4.41 15.23 23.59
CA GLU B 24 -4.96 14.22 24.55
C GLU B 24 -5.89 13.24 23.82
N VAL B 25 -6.76 13.76 22.96
CA VAL B 25 -7.73 12.90 22.26
C VAL B 25 -7.05 12.10 21.15
N ASN B 26 -5.87 12.55 20.72
CA ASN B 26 -5.15 11.87 19.64
C ASN B 26 -4.27 10.73 20.15
N SER B 27 -4.35 10.48 21.45
CA SER B 27 -3.57 9.40 22.07
C SER B 27 -4.39 8.14 22.19
N CYS B 28 -3.77 6.99 21.96
CA CYS B 28 -4.47 5.72 22.14
C CYS B 28 -4.91 5.46 23.58
N ASP B 29 -4.35 6.17 24.54
CA ASP B 29 -4.76 5.94 25.93
C ASP B 29 -5.78 6.95 26.42
N TYR B 30 -6.25 7.82 25.53
CA TYR B 30 -7.47 8.59 25.82
C TYR B 30 -8.59 7.63 26.22
N TRP B 31 -9.30 7.96 27.29
CA TRP B 31 -10.17 6.98 27.93
C TRP B 31 -11.23 6.38 27.02
N ARG B 32 -11.76 7.13 26.07
CA ARG B 32 -12.86 6.58 25.32
C ARG B 32 -12.40 5.72 24.14
N HIS B 33 -11.11 5.64 23.94
CA HIS B 33 -10.57 4.80 22.84
C HIS B 33 -10.20 3.39 23.32
N CYS B 34 -10.89 2.87 24.31
CA CYS B 34 -10.43 1.66 25.02
C CYS B 34 -10.62 0.37 24.22
N ALA B 35 -11.36 0.44 23.12
CA ALA B 35 -11.48 -0.72 22.22
C ALA B 35 -11.37 -0.35 20.73
N VAL B 36 -10.51 0.63 20.43
CA VAL B 36 -10.20 1.01 19.04
C VAL B 36 -9.15 0.08 18.44
N ASP B 37 -9.50 -0.54 17.31
CA ASP B 37 -8.56 -1.20 16.41
C ASP B 37 -8.64 -0.47 15.07
N GLY B 38 -7.73 0.47 14.83
CA GLY B 38 -7.82 1.31 13.67
C GLY B 38 -7.05 2.60 13.83
N PHE B 39 -7.31 3.56 12.96
CA PHE B 39 -6.66 4.87 12.98
C PHE B 39 -7.65 5.86 13.60
N LEU B 40 -7.21 6.67 14.57
CA LEU B 40 -8.15 7.63 15.16
C LEU B 40 -8.51 8.70 14.13
N CYS B 41 -9.82 8.90 13.88
CA CYS B 41 -10.27 9.89 12.91
C CYS B 41 -9.82 11.32 13.28
N SER B 42 -9.59 11.58 14.56
CA SER B 42 -9.19 12.92 15.00
C SER B 42 -7.80 13.26 14.51
N CYS B 43 -7.02 12.25 14.10
CA CYS B 43 -5.69 12.49 13.49
C CYS B 43 -5.72 12.55 11.97
N CYS B 44 -6.92 12.40 11.43
CA CYS B 44 -7.11 12.13 9.99
C CYS B 44 -7.92 13.22 9.29
N GLY B 45 -8.02 14.39 9.93
CA GLY B 45 -8.78 15.49 9.37
C GLY B 45 -10.22 15.54 9.83
N GLY B 46 -10.61 14.62 10.71
CA GLY B 46 -11.89 14.65 11.36
C GLY B 46 -11.75 14.95 12.83
N THR B 47 -12.74 14.49 13.58
CA THR B 47 -12.74 14.61 15.04
C THR B 47 -13.18 13.29 15.63
N THR B 48 -13.29 13.25 16.95
CA THR B 48 -13.72 12.05 17.66
CA THR B 48 -13.72 12.07 17.65
C THR B 48 -15.10 11.57 17.20
N THR B 49 -15.95 12.50 16.72
CA THR B 49 -17.33 12.17 16.36
C THR B 49 -17.72 12.66 14.96
N THR B 50 -16.73 12.95 14.11
CA THR B 50 -17.01 13.34 12.75
C THR B 50 -16.00 12.73 11.80
N CYS B 51 -16.51 12.27 10.65
CA CYS B 51 -15.64 11.66 9.65
C CYS B 51 -14.83 12.73 8.96
N PRO B 52 -13.57 12.43 8.63
CA PRO B 52 -12.84 13.32 7.76
C PRO B 52 -13.61 13.59 6.47
N PRO B 53 -13.37 14.75 5.84
CA PRO B 53 -14.09 15.10 4.63
C PRO B 53 -14.04 13.98 3.61
N GLY B 54 -15.20 13.65 3.05
CA GLY B 54 -15.29 12.69 1.95
C GLY B 54 -15.23 11.23 2.36
N SER B 55 -15.29 10.97 3.66
CA SER B 55 -15.43 9.61 4.16
C SER B 55 -16.76 9.47 4.86
N THR B 56 -17.31 8.28 4.81
CA THR B 56 -18.72 8.03 5.12
C THR B 56 -18.86 7.24 6.41
N PRO B 57 -19.68 7.69 7.35
CA PRO B 57 -19.91 6.92 8.57
C PRO B 57 -20.51 5.54 8.35
N SER B 58 -20.07 4.56 9.13
CA SER B 58 -20.72 3.26 9.12
C SER B 58 -21.98 3.31 9.98
N PRO B 59 -23.06 2.66 9.53
CA PRO B 59 -24.32 2.59 10.29
C PRO B 59 -24.26 1.58 11.44
N ILE B 60 -23.23 0.74 11.42
CA ILE B 60 -23.01 -0.32 12.39
C ILE B 60 -21.62 -0.15 13.01
N SER B 61 -21.39 -0.81 14.12
CA SER B 61 -20.16 -0.62 14.86
C SER B 61 -19.94 -1.73 15.86
N TTQ B 62 -18.72 -1.82 16.36
CA TTQ B 62 -18.50 -2.57 17.57
C TTQ B 62 -18.66 -1.59 18.75
O TTQ B 62 -18.56 -0.36 18.56
CB TTQ B 62 -17.16 -3.32 17.54
CG TTQ B 62 -15.89 -2.53 17.33
CD1 TTQ B 62 -15.14 -2.00 18.34
CD2 TTQ B 62 -15.15 -2.23 16.09
NE1 TTQ B 62 -14.05 -1.40 17.85
CE2 TTQ B 62 -14.02 -1.51 16.49
CE3 TTQ B 62 -15.33 -2.47 14.69
CZ2 TTQ B 62 -13.06 -1.05 15.59
CZ3 TTQ B 62 -14.36 -2.02 13.82
CH2 TTQ B 62 -13.27 -1.32 14.26
O2 TTQ B 62 -11.97 -0.38 16.01
N2 TTQ B 62 -12.32 -0.88 13.28
N ILE B 63 -18.96 -2.12 19.92
CA ILE B 63 -19.23 -1.33 21.13
C ILE B 63 -18.18 -1.67 22.17
N GLY B 64 -17.66 -0.64 22.85
CA GLY B 64 -16.79 -0.82 24.00
C GLY B 64 -17.39 -0.23 25.27
N THR B 65 -16.98 -0.78 26.40
CA THR B 65 -17.32 -0.22 27.70
C THR B 65 -16.04 0.31 28.27
N CYS B 66 -15.96 1.64 28.41
CA CYS B 66 -14.72 2.29 28.83
C CYS B 66 -14.95 3.07 30.10
N HIS B 67 -13.94 3.01 30.98
CA HIS B 67 -13.96 3.75 32.24
C HIS B 67 -13.48 5.16 32.01
N ASN B 68 -14.27 6.12 32.45
CA ASN B 68 -13.87 7.51 32.45
C ASN B 68 -13.24 7.85 33.79
N PRO B 69 -11.91 8.03 33.82
CA PRO B 69 -11.23 8.22 35.10
C PRO B 69 -11.42 9.61 35.66
N HIS B 70 -12.01 10.50 34.89
CA HIS B 70 -12.20 11.88 35.31
C HIS B 70 -13.48 12.04 36.13
N ASP B 71 -14.52 11.28 35.81
CA ASP B 71 -15.75 11.27 36.64
C ASP B 71 -16.00 9.93 37.34
N GLY B 72 -15.16 8.94 37.06
CA GLY B 72 -15.20 7.66 37.73
C GLY B 72 -16.32 6.74 37.28
N LYS B 73 -16.93 7.04 36.12
CA LYS B 73 -18.06 6.28 35.62
C LYS B 73 -17.70 5.52 34.33
N ASP B 74 -18.46 4.47 34.06
CA ASP B 74 -18.28 3.65 32.85
C ASP B 74 -19.29 4.05 31.79
N TYR B 75 -18.82 4.16 30.55
CA TYR B 75 -19.63 4.61 29.43
C TYR B 75 -19.56 3.60 28.29
N LEU B 76 -20.67 3.50 27.56
CA LEU B 76 -20.73 2.75 26.33
C LEU B 76 -20.26 3.65 25.20
N ILE B 77 -19.29 3.14 24.44
CA ILE B 77 -18.71 3.84 23.31
C ILE B 77 -18.99 3.04 22.05
N SER B 78 -19.47 3.71 21.01
CA SER B 78 -19.78 3.04 19.73
C SER B 78 -18.67 3.41 18.75
N TYR B 79 -17.93 2.40 18.25
CA TYR B 79 -16.78 2.62 17.38
C TYR B 79 -17.20 2.48 15.94
N HIS B 80 -17.74 3.55 15.39
CA HIS B 80 -18.12 3.60 14.01
C HIS B 80 -16.89 3.86 13.20
N ASP B 81 -16.82 3.25 12.04
CA ASP B 81 -15.75 3.55 11.14
C ASP B 81 -16.20 4.61 10.16
N CYS B 82 -15.22 5.30 9.59
CA CYS B 82 -15.43 6.11 8.42
C CYS B 82 -14.84 5.39 7.24
N CYS B 83 -15.58 5.42 6.14
CA CYS B 83 -15.43 4.45 5.03
C CYS B 83 -15.33 5.13 3.67
N GLY B 84 -14.87 4.40 2.65
CA GLY B 84 -14.87 4.90 1.30
C GLY B 84 -13.66 5.72 0.91
N LYS B 85 -12.65 5.73 1.77
CA LYS B 85 -11.33 6.27 1.46
C LYS B 85 -10.33 5.26 2.01
N THR B 86 -9.14 5.25 1.42
CA THR B 86 -8.10 4.33 1.82
C THR B 86 -7.51 4.71 3.18
N ALA B 87 -6.72 3.80 3.74
CA ALA B 87 -6.28 3.89 5.12
C ALA B 87 -5.67 5.22 5.48
N CYS B 88 -6.15 5.84 6.55
CA CYS B 88 -5.57 7.11 6.95
C CYS B 88 -4.10 6.99 7.33
N GLY B 89 -3.78 5.96 8.08
CA GLY B 89 -2.38 5.69 8.42
C GLY B 89 -1.82 6.38 9.66
N ARG B 90 -2.60 7.26 10.26
CA ARG B 90 -2.18 8.07 11.38
C ARG B 90 -2.89 7.63 12.65
N CYS B 91 -2.15 7.67 13.76
CA CYS B 91 -2.70 7.34 15.09
C CYS B 91 -3.35 5.96 15.11
N GLN B 92 -2.57 4.96 14.74
CA GLN B 92 -3.06 3.59 14.81
C GLN B 92 -3.09 3.14 16.26
N CYS B 93 -4.23 2.60 16.67
CA CYS B 93 -4.40 2.03 17.99
C CYS B 93 -4.88 0.61 17.86
N ASN B 94 -4.60 -0.19 18.89
CA ASN B 94 -5.09 -1.57 18.95
C ASN B 94 -5.40 -1.97 20.37
N THR B 95 -6.32 -1.25 20.97
CA THR B 95 -6.68 -1.43 22.36
C THR B 95 -7.91 -2.33 22.46
N GLN B 96 -7.97 -3.10 23.55
CA GLN B 96 -8.78 -4.32 23.57
C GLN B 96 -9.60 -4.48 24.86
N THR B 97 -9.81 -3.38 25.60
CA THR B 97 -10.57 -3.47 26.84
C THR B 97 -11.98 -3.97 26.59
N ARG B 98 -12.31 -5.11 27.22
CA ARG B 98 -13.62 -5.74 27.15
C ARG B 98 -14.02 -6.27 25.76
N GLU B 99 -13.03 -6.32 24.87
CA GLU B 99 -13.26 -6.83 23.53
C GLU B 99 -13.36 -8.35 23.57
N ARG B 100 -14.25 -8.89 22.76
CA ARG B 100 -14.54 -10.31 22.75
C ARG B 100 -14.58 -10.84 21.32
N PRO B 101 -14.44 -12.17 21.15
CA PRO B 101 -14.35 -12.71 19.80
C PRO B 101 -15.64 -12.66 19.02
N GLY B 102 -15.60 -13.16 17.80
CA GLY B 102 -16.68 -12.96 16.88
C GLY B 102 -17.98 -13.64 17.21
N TYR B 103 -17.95 -14.57 18.13
CA TYR B 103 -19.21 -15.16 18.63
C TYR B 103 -19.94 -14.22 19.62
N GLU B 104 -19.31 -13.10 19.96
CA GLU B 104 -19.99 -11.95 20.60
C GLU B 104 -19.77 -10.79 19.63
N PHE B 105 -20.42 -10.85 18.48
CA PHE B 105 -19.97 -10.10 17.31
C PHE B 105 -19.85 -8.59 17.51
N PHE B 106 -20.81 -7.96 18.19
CA PHE B 106 -20.78 -6.52 18.31
C PHE B 106 -19.86 -6.02 19.40
N LEU B 107 -19.17 -6.93 20.10
CA LEU B 107 -18.08 -6.60 21.00
C LEU B 107 -16.71 -6.83 20.36
N HIS B 108 -16.70 -7.19 19.08
CA HIS B 108 -15.48 -7.71 18.41
C HIS B 108 -14.86 -6.66 17.49
N ASN B 109 -13.54 -6.45 17.60
CA ASN B 109 -12.90 -5.40 16.80
C ASN B 109 -11.87 -5.85 15.81
N ASP B 110 -11.85 -7.15 15.48
CA ASP B 110 -10.95 -7.63 14.42
C ASP B 110 -11.68 -7.77 13.09
N VAL B 111 -12.86 -7.17 12.98
CA VAL B 111 -13.58 -7.12 11.73
C VAL B 111 -13.73 -5.68 11.30
N ASN B 112 -13.91 -5.47 10.00
CA ASN B 112 -14.11 -4.14 9.43
C ASN B 112 -15.57 -3.71 9.59
N TRP B 113 -15.79 -2.74 10.46
CA TRP B 113 -17.15 -2.28 10.71
C TRP B 113 -17.68 -1.40 9.56
N CYS B 114 -16.86 -1.16 8.52
CA CYS B 114 -17.32 -0.63 7.22
C CYS B 114 -17.91 -1.70 6.30
N MET B 115 -18.02 -2.94 6.76
CA MET B 115 -18.37 -4.09 5.89
C MET B 115 -19.70 -3.97 5.15
N ALA B 116 -20.63 -3.17 5.66
CA ALA B 116 -21.93 -3.02 5.04
C ALA B 116 -22.14 -1.67 4.37
N ASN B 117 -21.10 -0.86 4.30
CA ASN B 117 -21.19 0.42 3.64
C ASN B 117 -21.20 0.28 2.12
N GLU B 118 -21.65 1.33 1.44
CA GLU B 118 -21.65 1.34 -0.02
C GLU B 118 -20.25 1.06 -0.54
N ASN B 119 -19.26 1.64 0.13
CA ASN B 119 -17.86 1.26 -0.09
C ASN B 119 -17.22 0.88 1.22
N SER B 120 -16.71 -0.33 1.26
CA SER B 120 -16.23 -0.90 2.50
C SER B 120 -14.76 -0.57 2.82
N THR B 121 -14.10 0.22 1.99
CA THR B 121 -12.72 0.53 2.24
C THR B 121 -12.61 1.28 3.57
N PHE B 122 -11.76 0.82 4.46
CA PHE B 122 -11.63 1.38 5.81
C PHE B 122 -10.69 2.58 5.84
N HIS B 123 -11.18 3.70 6.38
CA HIS B 123 -10.41 4.92 6.47
C HIS B 123 -9.88 5.23 7.89
N CYS B 124 -10.80 5.30 8.83
CA CYS B 124 -10.45 5.57 10.23
C CYS B 124 -11.58 5.18 11.15
N THR B 125 -11.33 5.19 12.45
CA THR B 125 -12.30 4.81 13.46
C THR B 125 -12.62 6.03 14.35
N THR B 126 -13.91 6.20 14.65
CA THR B 126 -14.42 7.23 15.59
C THR B 126 -14.78 6.53 16.89
N SER B 127 -14.90 7.32 17.95
CA SER B 127 -15.26 6.83 19.29
C SER B 127 -16.45 7.65 19.81
N VAL B 128 -17.66 7.18 19.56
CA VAL B 128 -18.88 7.95 19.78
C VAL B 128 -19.47 7.57 21.13
N LEU B 129 -19.69 8.54 22.00
CA LEU B 129 -20.27 8.27 23.31
C LEU B 129 -21.77 8.06 23.20
N VAL B 130 -22.23 6.90 23.63
CA VAL B 130 -23.63 6.54 23.59
C VAL B 130 -24.31 6.97 24.89
N GLY B 131 -23.71 6.60 26.02
CA GLY B 131 -24.24 6.94 27.34
C GLY B 131 -23.62 6.10 28.43
N LEU B 132 -24.20 6.15 29.63
CA LEU B 132 -23.69 5.39 30.76
C LEU B 132 -23.86 3.91 30.53
N ALA B 133 -22.87 3.13 30.97
CA ALA B 133 -22.88 1.68 30.81
C ALA B 133 -23.84 1.01 31.79
N GLU C 2 21.08 -11.99 -24.15
CA GLU C 2 20.12 -12.56 -23.16
C GLU C 2 18.70 -12.16 -23.55
N VAL C 3 17.74 -13.00 -23.17
CA VAL C 3 16.32 -12.69 -23.39
C VAL C 3 15.55 -12.89 -22.09
N LEU C 4 14.73 -11.89 -21.75
CA LEU C 4 13.84 -11.97 -20.60
C LEU C 4 12.72 -12.94 -20.92
N THR C 5 12.48 -13.87 -20.00
CA THR C 5 11.38 -14.80 -20.13
C THR C 5 10.47 -14.74 -18.89
N GLY C 6 9.20 -15.05 -19.13
CA GLY C 6 8.23 -15.34 -18.08
C GLY C 6 7.74 -16.78 -18.18
N GLY C 7 6.67 -17.08 -17.48
CA GLY C 7 6.11 -18.42 -17.47
C GLY C 7 6.79 -19.41 -16.54
N HIS C 8 7.66 -18.93 -15.66
CA HIS C 8 8.44 -19.80 -14.80
C HIS C 8 7.66 -20.26 -13.58
N SER C 9 8.10 -21.38 -13.03
CA SER C 9 7.53 -21.94 -11.82
C SER C 9 8.41 -21.55 -10.64
N VAL C 10 7.83 -21.64 -9.44
CA VAL C 10 8.52 -21.40 -8.20
C VAL C 10 9.75 -22.31 -8.14
N SER C 11 10.86 -21.73 -7.69
CA SER C 11 12.17 -22.39 -7.81
C SER C 11 12.47 -23.47 -6.79
N ALA C 12 11.70 -23.52 -5.72
CA ALA C 12 11.91 -24.47 -4.63
C ALA C 12 10.76 -25.46 -4.59
N PRO C 13 11.01 -26.67 -4.08
CA PRO C 13 9.92 -27.65 -4.06
C PRO C 13 8.78 -27.24 -3.14
N GLN C 14 7.57 -27.73 -3.42
CA GLN C 14 6.37 -27.40 -2.62
C GLN C 14 6.64 -27.62 -1.14
N GLU C 15 7.36 -28.69 -0.81
CA GLU C 15 7.58 -29.03 0.58
C GLU C 15 8.40 -28.00 1.34
N ASN C 16 9.07 -27.09 0.65
CA ASN C 16 9.83 -26.03 1.33
C ASN C 16 9.03 -24.76 1.56
N ARG C 17 7.81 -24.68 1.02
CA ARG C 17 7.14 -23.39 0.87
C ARG C 17 6.22 -23.08 2.05
N ILE C 18 6.25 -21.81 2.44
CA ILE C 18 5.31 -21.24 3.41
C ILE C 18 4.70 -19.97 2.84
N TYR C 19 3.57 -19.58 3.41
CA TYR C 19 2.69 -18.53 2.89
C TYR C 19 2.45 -17.56 3.98
N VAL C 20 2.98 -16.35 3.82
CA VAL C 20 2.85 -15.29 4.83
C VAL C 20 1.83 -14.31 4.29
N MET C 21 0.66 -14.26 4.93
CA MET C 21 -0.43 -13.43 4.48
C MET C 21 -0.22 -12.01 4.99
N ASP C 22 0.21 -11.12 4.12
CA ASP C 22 0.54 -9.74 4.55
C ASP C 22 -0.68 -8.87 4.32
N SER C 23 -1.32 -8.47 5.42
CA SER C 23 -2.49 -7.58 5.33
C SER C 23 -2.11 -6.22 4.82
N VAL C 24 -0.86 -5.81 5.01
CA VAL C 24 -0.45 -4.43 4.66
C VAL C 24 -1.51 -3.46 5.18
N PHE C 25 -1.79 -3.54 6.46
CA PHE C 25 -2.88 -2.73 7.03
C PHE C 25 -2.73 -1.23 6.74
N MET C 26 -1.53 -0.72 6.66
CA MET C 26 -1.37 0.70 6.34
C MET C 26 -1.83 1.04 4.95
N HIS C 27 -1.84 0.02 4.07
CA HIS C 27 -2.33 0.16 2.71
C HIS C 27 -3.11 -1.09 2.34
N LEU C 28 -4.21 -1.28 3.04
CA LEU C 28 -4.91 -2.55 3.07
C LEU C 28 -5.54 -2.94 1.74
N THR C 29 -5.65 -2.00 0.79
CA THR C 29 -6.07 -2.36 -0.56
C THR C 29 -5.00 -3.09 -1.38
N GLU C 30 -3.78 -3.19 -0.84
CA GLU C 30 -2.68 -3.90 -1.55
C GLU C 30 -2.11 -5.00 -0.68
N SER C 31 -3.00 -5.74 0.01
CA SER C 31 -2.63 -6.94 0.73
C SER C 31 -2.11 -7.97 -0.27
N ARG C 32 -1.30 -8.90 0.21
CA ARG C 32 -0.75 -9.94 -0.65
C ARG C 32 -0.24 -11.09 0.19
N VAL C 33 0.00 -12.21 -0.49
CA VAL C 33 0.60 -13.38 0.13
C VAL C 33 2.03 -13.41 -0.34
N HIS C 34 2.96 -13.50 0.60
CA HIS C 34 4.37 -13.69 0.26
C HIS C 34 4.72 -15.17 0.45
N VAL C 35 5.39 -15.74 -0.55
CA VAL C 35 5.79 -17.15 -0.52
C VAL C 35 7.27 -17.21 -0.22
N TYR C 36 7.62 -17.98 0.80
CA TYR C 36 9.00 -18.11 1.25
C TYR C 36 9.40 -19.58 1.31
N ASP C 37 10.71 -19.80 1.23
CA ASP C 37 11.31 -21.10 1.50
C ASP C 37 11.74 -21.09 2.97
N TYR C 38 11.11 -21.92 3.79
CA TYR C 38 11.44 -21.91 5.21
C TYR C 38 12.82 -22.46 5.53
N THR C 39 13.41 -23.21 4.59
CA THR C 39 14.71 -23.86 4.84
C THR C 39 15.87 -22.87 4.76
N ASN C 40 15.69 -21.77 4.05
CA ASN C 40 16.78 -20.83 3.83
C ASN C 40 16.37 -19.36 3.84
N GLY C 41 15.07 -19.11 4.02
CA GLY C 41 14.57 -17.74 4.05
C GLY C 41 14.39 -17.02 2.74
N LYS C 42 14.51 -17.75 1.62
CA LYS C 42 14.47 -17.12 0.31
C LYS C 42 13.04 -16.76 -0.06
N PHE C 43 12.87 -15.57 -0.59
CA PHE C 43 11.59 -15.12 -1.13
C PHE C 43 11.38 -15.79 -2.49
N LEU C 44 10.24 -16.47 -2.64
CA LEU C 44 9.95 -17.27 -3.82
C LEU C 44 8.94 -16.66 -4.78
N GLY C 45 8.09 -15.76 -4.28
CA GLY C 45 7.08 -15.16 -5.12
C GLY C 45 5.94 -14.65 -4.30
N MET C 46 4.89 -14.21 -4.97
CA MET C 46 3.76 -13.62 -4.23
C MET C 46 2.49 -13.65 -5.03
N VAL C 47 1.35 -13.50 -4.34
CA VAL C 47 0.04 -13.45 -4.97
C VAL C 47 -0.66 -12.18 -4.47
N PRO C 48 -1.06 -11.26 -5.38
CA PRO C 48 -1.79 -10.06 -4.96
C PRO C 48 -3.18 -10.39 -4.53
N THR C 49 -3.64 -9.77 -3.44
CA THR C 49 -4.94 -10.08 -2.88
C THR C 49 -5.80 -8.85 -2.54
N ALA C 50 -5.52 -7.72 -3.20
CA ALA C 50 -6.41 -6.57 -3.14
C ALA C 50 -6.78 -6.18 -1.70
N PHE C 51 -8.06 -5.87 -1.43
CA PHE C 51 -8.43 -5.38 -0.12
C PHE C 51 -8.59 -6.52 0.88
N ASN C 52 -7.73 -6.54 1.89
CA ASN C 52 -7.90 -7.46 3.01
C ASN C 52 -8.08 -8.89 2.56
N GLY C 53 -7.12 -9.37 1.79
CA GLY C 53 -7.21 -10.76 1.30
C GLY C 53 -7.04 -11.77 2.39
N HIS C 54 -7.64 -12.96 2.14
CA HIS C 54 -7.41 -14.18 2.90
C HIS C 54 -6.89 -15.24 1.96
N VAL C 55 -6.19 -16.24 2.51
CA VAL C 55 -5.49 -17.21 1.68
C VAL C 55 -5.49 -18.56 2.33
N GLN C 56 -5.53 -19.60 1.51
CA GLN C 56 -5.21 -20.96 1.96
C GLN C 56 -4.67 -21.71 0.76
N VAL C 57 -4.00 -22.82 1.01
CA VAL C 57 -3.53 -23.67 -0.04
C VAL C 57 -4.42 -24.90 -0.11
N SER C 58 -4.70 -25.39 -1.31
CA SER C 58 -5.53 -26.59 -1.45
C SER C 58 -4.88 -27.77 -0.72
N ASN C 59 -5.69 -28.63 -0.12
CA ASN C 59 -5.17 -29.76 0.63
C ASN C 59 -4.30 -30.69 -0.22
N ASP C 60 -4.59 -30.77 -1.52
CA ASP C 60 -3.76 -31.57 -2.41
C ASP C 60 -2.49 -30.84 -2.88
N GLY C 61 -2.27 -29.61 -2.43
CA GLY C 61 -1.07 -28.87 -2.76
C GLY C 61 -0.98 -28.22 -4.14
N LYS C 62 -2.01 -28.38 -4.96
CA LYS C 62 -1.92 -27.98 -6.36
C LYS C 62 -2.28 -26.51 -6.60
N LYS C 63 -3.14 -25.95 -5.74
CA LYS C 63 -3.70 -24.61 -5.97
C LYS C 63 -3.62 -23.74 -4.73
N ILE C 64 -3.60 -22.44 -4.96
CA ILE C 64 -3.76 -21.46 -3.89
C ILE C 64 -5.13 -20.84 -4.07
N TYR C 65 -5.84 -20.72 -2.97
CA TYR C 65 -7.14 -20.05 -2.96
C TYR C 65 -7.00 -18.71 -2.24
N THR C 66 -7.55 -17.67 -2.84
CA THR C 66 -7.62 -16.39 -2.16
C THR C 66 -9.07 -15.95 -2.08
N MET C 67 -9.35 -15.08 -1.12
CA MET C 67 -10.66 -14.47 -0.95
C MET C 67 -10.43 -12.99 -0.77
N THR C 68 -11.17 -12.18 -1.53
CA THR C 68 -10.94 -10.74 -1.50
C THR C 68 -12.15 -9.98 -1.99
N THR C 69 -12.06 -8.66 -1.88
CA THR C 69 -13.07 -7.74 -2.35
C THR C 69 -12.47 -6.75 -3.32
N TYR C 70 -13.17 -6.54 -4.43
CA TYR C 70 -12.89 -5.50 -5.38
C TYR C 70 -14.04 -4.54 -5.45
N HIS C 71 -13.76 -3.30 -5.86
CA HIS C 71 -14.79 -2.39 -6.37
C HIS C 71 -14.35 -1.84 -7.71
N GLU C 72 -15.31 -1.43 -8.54
CA GLU C 72 -14.98 -0.95 -9.89
C GLU C 72 -13.95 0.17 -9.90
N ARG C 73 -13.99 1.02 -8.89
CA ARG C 73 -13.04 2.12 -8.77
C ARG C 73 -12.43 2.17 -7.36
N ILE C 74 -12.29 0.98 -6.77
CA ILE C 74 -11.63 0.73 -5.47
C ILE C 74 -12.41 1.32 -4.29
N THR C 75 -12.47 2.64 -4.23
CA THR C 75 -13.17 3.36 -3.17
C THR C 75 -14.59 3.82 -3.54
N ARG C 76 -15.01 3.50 -4.75
CA ARG C 76 -16.38 3.68 -5.19
C ARG C 76 -16.67 2.64 -6.28
N GLY C 77 -17.93 2.55 -6.68
CA GLY C 77 -18.36 1.60 -7.68
C GLY C 77 -18.79 0.28 -7.11
N LYS C 78 -19.26 -0.60 -8.02
CA LYS C 78 -19.86 -1.86 -7.62
C LYS C 78 -18.85 -2.78 -6.94
N ARG C 79 -19.31 -3.44 -5.89
CA ARG C 79 -18.52 -4.43 -5.15
C ARG C 79 -18.58 -5.82 -5.78
N SER C 80 -17.44 -6.48 -5.78
CA SER C 80 -17.32 -7.90 -6.13
C SER C 80 -16.50 -8.63 -5.08
N ASP C 81 -17.16 -9.48 -4.32
CA ASP C 81 -16.48 -10.39 -3.41
C ASP C 81 -16.23 -11.68 -4.17
N VAL C 82 -15.03 -12.23 -4.04
CA VAL C 82 -14.65 -13.38 -4.86
C VAL C 82 -13.78 -14.34 -4.07
N VAL C 83 -13.78 -15.60 -4.54
CA VAL C 83 -12.69 -16.51 -4.31
C VAL C 83 -11.94 -16.62 -5.62
N GLU C 84 -10.62 -16.63 -5.57
CA GLU C 84 -9.80 -16.87 -6.72
C GLU C 84 -9.02 -18.14 -6.53
N VAL C 85 -8.94 -18.91 -7.61
CA VAL C 85 -8.06 -20.07 -7.70
C VAL C 85 -6.81 -19.72 -8.51
N TRP C 86 -5.64 -19.97 -7.92
CA TRP C 86 -4.34 -19.71 -8.51
C TRP C 86 -3.56 -21.01 -8.61
N ASP C 87 -2.76 -21.17 -9.65
CA ASP C 87 -1.87 -22.30 -9.69
C ASP C 87 -0.77 -22.14 -8.63
N ALA C 88 -0.50 -23.20 -7.87
CA ALA C 88 0.51 -23.12 -6.83
C ALA C 88 1.92 -22.99 -7.33
N ASP C 89 2.24 -23.59 -8.47
CA ASP C 89 3.62 -23.58 -8.92
C ASP C 89 3.95 -22.42 -9.87
N LYS C 90 2.97 -22.02 -10.67
CA LYS C 90 3.15 -20.89 -11.58
C LYS C 90 2.77 -19.55 -10.93
N LEU C 91 2.04 -19.60 -9.82
CA LEU C 91 1.55 -18.39 -9.14
C LEU C 91 0.80 -17.49 -10.11
N THR C 92 -0.07 -18.13 -10.89
CA THR C 92 -0.92 -17.44 -11.87
C THR C 92 -2.40 -17.64 -11.56
N PHE C 93 -3.19 -16.63 -11.92
CA PHE C 93 -4.62 -16.63 -11.75
C PHE C 93 -5.24 -17.61 -12.73
N GLU C 94 -6.16 -18.42 -12.26
CA GLU C 94 -6.90 -19.33 -13.11
C GLU C 94 -8.41 -19.05 -13.19
N LYS C 95 -9.06 -18.82 -12.06
CA LYS C 95 -10.51 -18.77 -12.02
C LYS C 95 -11.01 -17.86 -10.91
N GLU C 96 -12.03 -17.08 -11.20
CA GLU C 96 -12.77 -16.30 -10.22
C GLU C 96 -14.11 -16.97 -9.93
N ILE C 97 -14.47 -17.06 -8.65
CA ILE C 97 -15.73 -17.61 -8.20
C ILE C 97 -16.47 -16.49 -7.49
N SER C 98 -17.64 -16.12 -8.00
CA SER C 98 -18.44 -15.04 -7.43
C SER C 98 -19.06 -15.41 -6.10
N LEU C 99 -18.94 -14.51 -5.13
CA LEU C 99 -19.55 -14.66 -3.83
C LEU C 99 -20.63 -13.59 -3.64
N PRO C 100 -21.61 -13.85 -2.76
CA PRO C 100 -22.47 -12.72 -2.38
C PRO C 100 -21.62 -11.68 -1.64
N PRO C 101 -22.01 -10.39 -1.69
CA PRO C 101 -21.17 -9.29 -1.18
C PRO C 101 -21.23 -9.16 0.34
N LYS C 102 -20.81 -10.22 1.01
CA LYS C 102 -20.80 -10.31 2.45
C LYS C 102 -19.67 -11.18 3.02
N ARG C 103 -18.63 -11.43 2.23
CA ARG C 103 -17.55 -12.21 2.75
C ARG C 103 -16.91 -11.46 3.92
N VAL C 104 -16.40 -12.18 4.89
CA VAL C 104 -15.87 -11.53 6.07
C VAL C 104 -14.68 -10.65 5.72
N GLN C 105 -14.72 -9.40 6.16
CA GLN C 105 -13.59 -8.50 6.11
C GLN C 105 -13.07 -8.37 7.52
N GLY C 106 -11.84 -8.80 7.73
CA GLY C 106 -11.28 -8.84 9.06
C GLY C 106 -9.90 -9.46 9.05
N LEU C 107 -9.30 -9.48 10.23
CA LEU C 107 -7.97 -10.02 10.40
C LEU C 107 -7.91 -11.51 10.12
N ASN C 108 -6.72 -11.99 9.78
CA ASN C 108 -6.54 -13.32 9.19
C ASN C 108 -6.42 -14.47 10.17
N TYR C 109 -7.50 -14.73 10.88
CA TYR C 109 -7.62 -15.96 11.61
C TYR C 109 -7.83 -17.11 10.61
N ASP C 110 -7.26 -18.26 10.90
CA ASP C 110 -7.38 -19.40 10.00
C ASP C 110 -8.84 -19.73 9.74
N GLY C 111 -9.66 -19.69 10.78
CA GLY C 111 -11.01 -20.16 10.72
C GLY C 111 -12.00 -19.34 9.91
N LEU C 112 -11.55 -18.26 9.31
CA LEU C 112 -12.41 -17.47 8.45
C LEU C 112 -12.46 -17.95 6.98
N PHE C 113 -11.50 -18.81 6.59
CA PHE C 113 -11.35 -19.24 5.22
C PHE C 113 -10.67 -20.60 5.23
N ARG C 114 -11.48 -21.66 5.11
CA ARG C 114 -11.03 -23.04 5.29
C ARG C 114 -11.55 -23.89 4.14
N GLN C 115 -11.33 -25.19 4.24
CA GLN C 115 -11.82 -26.15 3.25
C GLN C 115 -12.15 -27.44 3.94
N THR C 116 -13.00 -28.26 3.29
CA THR C 116 -13.29 -29.58 3.78
C THR C 116 -12.02 -30.44 3.72
N THR C 117 -11.97 -31.44 4.57
CA THR C 117 -10.84 -32.36 4.58
C THR C 117 -10.55 -32.98 3.20
N ASP C 118 -11.59 -33.32 2.46
CA ASP C 118 -11.43 -33.88 1.12
C ASP C 118 -11.04 -32.86 0.05
N GLY C 119 -10.99 -31.57 0.41
CA GLY C 119 -10.55 -30.52 -0.50
C GLY C 119 -11.58 -30.11 -1.53
N LYS C 120 -12.76 -30.72 -1.53
CA LYS C 120 -13.71 -30.46 -2.61
C LYS C 120 -14.50 -29.15 -2.42
N PHE C 121 -14.58 -28.66 -1.17
CA PHE C 121 -15.33 -27.45 -0.86
C PHE C 121 -14.52 -26.49 -0.03
N ILE C 122 -14.62 -25.24 -0.42
CA ILE C 122 -14.17 -24.10 0.37
C ILE C 122 -15.28 -23.66 1.28
N VAL C 123 -14.92 -23.38 2.52
CA VAL C 123 -15.88 -23.07 3.55
C VAL C 123 -15.44 -21.77 4.17
N LEU C 124 -16.25 -20.73 4.03
CA LEU C 124 -15.84 -19.35 4.38
C LEU C 124 -16.86 -18.67 5.26
N GLN C 125 -16.39 -17.73 6.07
CA GLN C 125 -17.25 -16.98 6.95
C GLN C 125 -17.78 -15.72 6.26
N ASN C 126 -19.10 -15.52 6.36
CA ASN C 126 -19.78 -14.29 5.92
C ASN C 126 -20.18 -13.45 7.12
N ALA C 127 -20.26 -12.14 6.89
CA ALA C 127 -20.80 -11.20 7.86
C ALA C 127 -21.40 -10.03 7.10
N SER C 128 -22.69 -9.78 7.30
CA SER C 128 -23.37 -8.74 6.55
C SER C 128 -23.96 -7.53 7.32
N PRO C 129 -24.02 -7.50 8.66
CA PRO C 129 -23.16 -8.20 9.62
C PRO C 129 -23.76 -9.49 10.16
N ALA C 130 -24.96 -9.86 9.73
CA ALA C 130 -25.50 -11.15 10.10
C ALA C 130 -24.52 -12.20 9.63
N THR C 131 -24.32 -13.24 10.42
CA THR C 131 -23.31 -14.23 10.07
C THR C 131 -23.93 -15.48 9.46
N SER C 132 -23.20 -16.04 8.49
CA SER C 132 -23.53 -17.33 7.91
C SER C 132 -22.25 -17.90 7.37
N ILE C 133 -22.29 -19.17 6.98
CA ILE C 133 -21.12 -19.82 6.40
C ILE C 133 -21.40 -20.12 4.92
N GLY C 134 -20.51 -19.71 4.01
CA GLY C 134 -20.66 -19.94 2.61
C GLY C 134 -19.84 -21.12 2.14
N ILE C 135 -20.38 -21.85 1.19
CA ILE C 135 -19.76 -23.05 0.63
C ILE C 135 -19.53 -22.84 -0.85
N VAL C 136 -18.28 -23.04 -1.25
CA VAL C 136 -17.87 -22.96 -2.62
C VAL C 136 -17.43 -24.35 -3.10
N ASP C 137 -18.04 -24.78 -4.20
CA ASP C 137 -17.66 -25.98 -4.91
C ASP C 137 -16.50 -25.63 -5.85
N VAL C 138 -15.31 -26.13 -5.51
CA VAL C 138 -14.10 -25.76 -6.25
C VAL C 138 -14.15 -26.25 -7.69
N ALA C 139 -14.52 -27.51 -7.87
CA ALA C 139 -14.56 -28.08 -9.22
C ALA C 139 -15.53 -27.32 -10.12
N LYS C 140 -16.72 -26.99 -9.59
CA LYS C 140 -17.74 -26.30 -10.37
C LYS C 140 -17.47 -24.82 -10.49
N GLY C 141 -16.67 -24.27 -9.58
CA GLY C 141 -16.40 -22.84 -9.55
C GLY C 141 -17.59 -22.00 -9.17
N ASP C 142 -18.38 -22.52 -8.23
CA ASP C 142 -19.66 -21.93 -7.86
C ASP C 142 -19.84 -21.86 -6.33
N TYR C 143 -20.53 -20.82 -5.89
CA TYR C 143 -21.04 -20.69 -4.53
C TYR C 143 -22.34 -21.50 -4.50
N VAL C 144 -22.38 -22.54 -3.70
CA VAL C 144 -23.48 -23.52 -3.75
C VAL C 144 -24.36 -23.63 -2.53
N GLU C 145 -23.96 -23.03 -1.41
CA GLU C 145 -24.71 -23.19 -0.18
C GLU C 145 -24.40 -22.03 0.76
N ASP C 146 -25.40 -21.64 1.53
CA ASP C 146 -25.26 -20.58 2.49
C ASP C 146 -25.89 -21.08 3.77
N VAL C 147 -25.06 -21.35 4.76
CA VAL C 147 -25.51 -22.02 5.97
C VAL C 147 -26.03 -21.00 6.97
N THR C 148 -27.29 -20.65 6.85
CA THR C 148 -27.91 -19.75 7.80
C THR C 148 -28.13 -20.34 9.20
N ALA C 149 -28.05 -21.66 9.32
CA ALA C 149 -28.11 -22.28 10.63
C ALA C 149 -26.98 -21.78 11.53
N ALA C 150 -25.89 -21.26 10.93
CA ALA C 150 -24.74 -20.77 11.69
C ALA C 150 -24.87 -19.30 12.11
N ALA C 151 -26.05 -18.70 11.95
CA ALA C 151 -26.23 -17.34 12.42
C ALA C 151 -25.91 -17.26 13.90
N GLY C 152 -25.19 -16.21 14.28
CA GLY C 152 -24.76 -16.04 15.65
C GLY C 152 -23.56 -16.87 16.05
N CYS C 153 -22.99 -17.61 15.09
CA CYS C 153 -21.76 -18.36 15.32
C CYS C 153 -20.61 -17.70 14.57
N TRP C 154 -19.40 -18.23 14.74
CA TRP C 154 -18.23 -17.61 14.12
C TRP C 154 -17.11 -18.61 13.96
N SER C 155 -16.59 -18.64 12.75
CA SER C 155 -15.38 -19.36 12.35
C SER C 155 -15.62 -20.83 12.06
N VAL C 156 -14.71 -21.41 11.29
CA VAL C 156 -14.89 -22.72 10.74
C VAL C 156 -13.74 -23.62 11.19
N ILE C 157 -14.07 -24.73 11.84
CA ILE C 157 -13.08 -25.69 12.32
C ILE C 157 -13.33 -27.04 11.60
N PRO C 158 -12.55 -27.35 10.55
CA PRO C 158 -12.80 -28.60 9.83
C PRO C 158 -12.54 -29.78 10.72
N GLN C 159 -13.29 -30.86 10.54
CA GLN C 159 -13.02 -32.13 11.21
C GLN C 159 -12.10 -32.99 10.34
N PRO C 160 -10.82 -33.21 10.77
CA PRO C 160 -9.92 -33.98 9.88
C PRO C 160 -10.23 -35.46 9.68
N ASN C 161 -11.18 -35.99 10.45
CA ASN C 161 -11.57 -37.41 10.39
C ASN C 161 -12.81 -37.67 9.56
N ARG C 162 -13.34 -36.63 8.91
CA ARG C 162 -14.48 -36.75 8.01
C ARG C 162 -14.22 -35.93 6.76
N PRO C 163 -14.79 -36.35 5.63
CA PRO C 163 -14.45 -35.72 4.38
C PRO C 163 -14.99 -34.30 4.19
N ARG C 164 -16.16 -34.01 4.72
CA ARG C 164 -16.85 -32.75 4.45
C ARG C 164 -17.63 -32.25 5.66
N SER C 165 -16.99 -32.29 6.82
CA SER C 165 -17.60 -31.84 8.06
C SER C 165 -16.75 -30.75 8.71
N PHE C 166 -17.42 -29.85 9.38
CA PHE C 166 -16.78 -28.76 10.09
C PHE C 166 -17.69 -28.29 11.22
N MET C 167 -17.09 -27.57 12.16
CA MET C 167 -17.78 -27.02 13.31
C MET C 167 -17.59 -25.54 13.35
N THR C 168 -18.49 -24.88 14.05
CA THR C 168 -18.39 -23.45 14.30
C THR C 168 -18.76 -23.17 15.75
N ILE C 169 -18.21 -22.08 16.29
CA ILE C 169 -18.43 -21.71 17.69
C ILE C 169 -19.60 -20.75 17.78
N CYS C 170 -20.59 -21.08 18.59
CA CYS C 170 -21.81 -20.29 18.64
C CYS C 170 -21.98 -19.49 19.90
N GLY C 171 -22.90 -18.54 19.83
CA GLY C 171 -23.12 -17.59 20.92
C GLY C 171 -23.69 -18.20 22.19
N ASP C 172 -24.13 -19.45 22.13
CA ASP C 172 -24.57 -20.18 23.30
C ASP C 172 -23.40 -20.82 24.05
N GLY C 173 -22.19 -20.73 23.50
CA GLY C 173 -21.02 -21.39 24.12
C GLY C 173 -20.87 -22.85 23.71
N GLY C 174 -21.65 -23.28 22.73
CA GLY C 174 -21.53 -24.61 22.18
C GLY C 174 -21.08 -24.55 20.74
N LEU C 175 -21.03 -25.71 20.13
CA LEU C 175 -20.57 -25.89 18.77
C LEU C 175 -21.66 -26.41 17.89
N LEU C 176 -21.76 -25.85 16.70
CA LEU C 176 -22.61 -26.37 15.63
C LEU C 176 -21.74 -27.12 14.63
N THR C 177 -22.11 -28.37 14.36
CA THR C 177 -21.42 -29.22 13.39
C THR C 177 -22.29 -29.31 12.16
N ILE C 178 -21.67 -29.12 11.01
CA ILE C 178 -22.31 -29.18 9.72
C ILE C 178 -21.62 -30.24 8.94
N ASN C 179 -22.41 -31.16 8.40
CA ASN C 179 -21.92 -32.18 7.50
C ASN C 179 -22.47 -31.93 6.12
N LEU C 180 -21.59 -31.65 5.16
CA LEU C 180 -22.01 -31.36 3.79
C LEU C 180 -22.16 -32.62 2.97
N GLY C 181 -23.14 -32.62 2.09
CA GLY C 181 -23.22 -33.68 1.09
C GLY C 181 -22.24 -33.50 -0.01
N GLU C 182 -22.19 -34.44 -0.92
CA GLU C 182 -21.22 -34.41 -2.01
C GLU C 182 -21.53 -33.32 -3.05
N ASP C 183 -22.71 -32.71 -2.93
CA ASP C 183 -23.10 -31.54 -3.68
C ASP C 183 -22.75 -30.22 -2.99
N GLY C 184 -22.21 -30.29 -1.77
CA GLY C 184 -21.87 -29.09 -1.00
C GLY C 184 -23.02 -28.47 -0.26
N LYS C 185 -24.22 -29.06 -0.36
CA LYS C 185 -25.38 -28.60 0.41
C LYS C 185 -25.36 -29.29 1.77
N VAL C 186 -25.94 -28.64 2.79
CA VAL C 186 -25.96 -29.27 4.10
C VAL C 186 -26.68 -30.62 4.02
N ALA C 187 -26.00 -31.67 4.50
CA ALA C 187 -26.59 -33.02 4.56
C ALA C 187 -27.14 -33.34 5.93
N SER C 188 -26.52 -32.79 6.98
CA SER C 188 -27.02 -32.89 8.33
C SER C 188 -26.29 -31.93 9.22
N GLN C 189 -26.78 -31.79 10.44
CA GLN C 189 -26.18 -30.93 11.42
C GLN C 189 -26.47 -31.39 12.81
N SER C 190 -25.68 -30.91 13.74
CA SER C 190 -25.95 -31.15 15.16
C SER C 190 -25.35 -30.06 15.99
N ARG C 191 -25.89 -29.92 17.19
CA ARG C 191 -25.47 -28.92 18.12
C ARG C 191 -25.00 -29.61 19.39
N SER C 192 -23.83 -29.22 19.91
CA SER C 192 -23.30 -29.79 21.15
C SER C 192 -23.97 -29.18 22.35
N LYS C 193 -23.72 -29.78 23.51
CA LYS C 193 -24.01 -29.13 24.78
C LYS C 193 -23.07 -27.92 24.94
N GLN C 194 -23.38 -27.05 25.89
CA GLN C 194 -22.55 -25.89 26.15
C GLN C 194 -21.17 -26.34 26.59
N MET C 195 -20.14 -25.82 25.93
CA MET C 195 -18.77 -26.12 26.26
C MET C 195 -18.17 -25.09 27.22
N PHE C 196 -18.42 -23.80 26.97
CA PHE C 196 -17.83 -22.74 27.81
C PHE C 196 -18.84 -21.66 28.07
N SER C 197 -18.61 -20.89 29.13
CA SER C 197 -19.39 -19.70 29.40
C SER C 197 -18.88 -18.52 28.58
N VAL C 198 -19.72 -18.02 27.68
CA VAL C 198 -19.35 -16.91 26.83
C VAL C 198 -18.96 -15.71 27.68
N ALA C 199 -19.75 -15.45 28.73
CA ALA C 199 -19.51 -14.28 29.59
C ALA C 199 -18.34 -14.48 30.54
N ASP C 200 -18.27 -15.64 31.17
CA ASP C 200 -17.35 -15.84 32.30
C ASP C 200 -15.97 -16.39 31.92
N ASP C 201 -15.88 -17.08 30.78
CA ASP C 201 -14.59 -17.68 30.41
C ASP C 201 -14.51 -17.82 28.88
N PRO C 202 -14.52 -16.67 28.19
CA PRO C 202 -14.54 -16.71 26.74
C PRO C 202 -13.28 -17.41 26.22
N ILE C 203 -13.49 -18.23 25.19
CA ILE C 203 -12.35 -18.87 24.52
C ILE C 203 -11.87 -18.08 23.31
N PHE C 204 -10.58 -18.21 23.04
CA PHE C 204 -10.03 -17.85 21.75
C PHE C 204 -10.57 -18.79 20.69
N ILE C 205 -10.87 -18.25 19.52
CA ILE C 205 -11.45 -19.06 18.47
C ILE C 205 -10.48 -20.07 17.84
N ALA C 206 -9.17 -19.83 17.97
CA ALA C 206 -8.17 -20.65 17.27
C ALA C 206 -8.12 -22.04 17.86
N PRO C 207 -8.40 -23.11 17.08
CA PRO C 207 -8.33 -24.46 17.65
C PRO C 207 -6.90 -25.01 17.67
N ALA C 208 -6.62 -25.87 18.66
CA ALA C 208 -5.49 -26.78 18.62
C ALA C 208 -6.07 -28.09 18.13
N LEU C 209 -5.92 -28.36 16.84
CA LEU C 209 -6.76 -29.31 16.17
C LEU C 209 -6.06 -30.65 16.00
N ASP C 210 -6.66 -31.70 16.57
CA ASP C 210 -6.23 -33.08 16.38
C ASP C 210 -7.07 -33.72 15.27
N LYS C 211 -6.81 -34.98 14.95
CA LYS C 211 -7.57 -35.68 13.92
C LYS C 211 -9.03 -35.85 14.29
N ASP C 212 -9.34 -35.99 15.59
CA ASP C 212 -10.68 -36.32 16.06
C ASP C 212 -11.14 -35.50 17.25
N LYS C 213 -10.39 -34.45 17.56
CA LYS C 213 -10.76 -33.56 18.66
C LYS C 213 -10.06 -32.22 18.49
N ALA C 214 -10.63 -31.20 19.13
CA ALA C 214 -10.05 -29.86 19.11
C ALA C 214 -10.01 -29.32 20.53
N HIS C 215 -8.94 -28.64 20.85
CA HIS C 215 -8.79 -27.95 22.13
C HIS C 215 -8.78 -26.47 21.92
N PHE C 216 -9.30 -25.74 22.89
CA PHE C 216 -9.42 -24.30 22.84
C PHE C 216 -8.89 -23.76 24.14
N VAL C 217 -8.20 -22.63 24.10
CA VAL C 217 -7.77 -21.96 25.33
C VAL C 217 -8.60 -20.72 25.58
N SER C 218 -8.69 -20.31 26.84
CA SER C 218 -9.55 -19.20 27.24
C SER C 218 -8.77 -17.99 27.66
N TYR C 219 -9.47 -16.86 27.73
CA TYR C 219 -8.86 -15.60 28.15
C TYR C 219 -8.16 -15.71 29.51
N TYR C 220 -8.63 -16.62 30.35
CA TYR C 220 -8.12 -16.78 31.73
C TYR C 220 -7.22 -17.99 31.86
N GLY C 221 -6.89 -18.63 30.75
CA GLY C 221 -5.91 -19.70 30.73
C GLY C 221 -6.47 -21.07 31.02
N ASN C 222 -7.77 -21.27 30.77
CA ASN C 222 -8.37 -22.58 30.83
C ASN C 222 -8.39 -23.23 29.48
N VAL C 223 -8.60 -24.54 29.47
CA VAL C 223 -8.62 -25.34 28.24
C VAL C 223 -9.92 -26.10 28.16
N TYR C 224 -10.56 -26.03 27.01
CA TYR C 224 -11.78 -26.75 26.71
C TYR C 224 -11.56 -27.70 25.54
N SER C 225 -12.33 -28.75 25.45
CA SER C 225 -12.16 -29.72 24.35
C SER C 225 -13.47 -30.10 23.72
N ALA C 226 -13.40 -30.38 22.41
CA ALA C 226 -14.50 -30.89 21.63
C ALA C 226 -14.03 -32.16 20.95
N ASP C 227 -14.58 -33.30 21.38
CA ASP C 227 -14.24 -34.59 20.83
C ASP C 227 -15.26 -34.98 19.77
N PHE C 228 -14.79 -35.16 18.53
CA PHE C 228 -15.67 -35.50 17.43
C PHE C 228 -15.32 -36.86 16.83
N SER C 229 -14.88 -37.77 17.69
CA SER C 229 -14.67 -39.14 17.28
C SER C 229 -16.02 -39.83 16.91
N GLY C 230 -17.12 -39.37 17.48
CA GLY C 230 -18.49 -39.79 17.01
C GLY C 230 -19.25 -38.70 16.28
N ASP C 231 -20.49 -39.01 15.87
CA ASP C 231 -21.31 -38.06 15.11
C ASP C 231 -21.74 -36.91 15.98
N GLU C 232 -21.94 -37.18 17.27
CA GLU C 232 -22.19 -36.14 18.23
C GLU C 232 -20.89 -35.72 18.89
N VAL C 233 -20.69 -34.41 18.93
CA VAL C 233 -19.54 -33.83 19.53
C VAL C 233 -19.72 -33.83 21.05
N LYS C 234 -18.71 -34.31 21.76
CA LYS C 234 -18.74 -34.32 23.23
C LYS C 234 -17.77 -33.26 23.72
N VAL C 235 -18.25 -32.40 24.60
CA VAL C 235 -17.46 -31.26 25.05
C VAL C 235 -17.07 -31.41 26.52
N ASP C 236 -15.94 -30.83 26.89
CA ASP C 236 -15.47 -30.84 28.26
C ASP C 236 -14.56 -29.66 28.58
N GLY C 237 -14.20 -29.55 29.85
CA GLY C 237 -13.38 -28.47 30.35
C GLY C 237 -14.17 -27.64 31.33
N PRO C 238 -13.49 -26.82 32.11
CA PRO C 238 -12.11 -26.44 31.89
C PRO C 238 -11.08 -27.25 32.69
N TRP C 239 -9.88 -27.39 32.14
CA TRP C 239 -8.67 -27.56 32.96
C TRP C 239 -7.79 -26.34 32.81
N SER C 240 -6.99 -26.02 33.80
CA SER C 240 -6.14 -24.85 33.73
C SER C 240 -4.75 -25.13 33.17
N LEU C 241 -4.29 -24.22 32.32
CA LEU C 241 -2.90 -24.17 31.89
C LEU C 241 -1.95 -23.84 33.01
N LEU C 242 -2.49 -23.29 34.10
CA LEU C 242 -1.70 -22.61 35.14
C LEU C 242 -1.55 -23.44 36.39
N ASN C 243 -0.33 -23.47 36.91
CA ASN C 243 -0.09 -23.97 38.27
C ASN C 243 -0.10 -22.79 39.23
N ASP C 244 0.15 -23.02 40.52
CA ASP C 244 -0.01 -21.94 41.50
C ASP C 244 1.01 -20.83 41.29
N GLU C 245 2.25 -21.20 40.96
CA GLU C 245 3.28 -20.22 40.67
C GLU C 245 2.88 -19.33 39.48
N ASP C 246 2.36 -19.97 38.44
CA ASP C 246 1.90 -19.24 37.26
C ASP C 246 0.82 -18.24 37.60
N LYS C 247 -0.14 -18.67 38.41
CA LYS C 247 -1.25 -17.79 38.83
C LYS C 247 -0.77 -16.57 39.60
N ALA C 248 0.28 -16.73 40.40
CA ALA C 248 0.85 -15.64 41.19
C ALA C 248 1.35 -14.48 40.32
N LYS C 249 1.80 -14.79 39.11
CA LYS C 249 2.29 -13.78 38.19
C LYS C 249 1.29 -13.48 37.05
N ASN C 250 0.07 -13.98 37.18
CA ASN C 250 -1.05 -13.62 36.29
C ASN C 250 -0.79 -13.98 34.83
N TRP C 251 -0.11 -15.10 34.63
CA TRP C 251 0.10 -15.60 33.25
C TRP C 251 -1.25 -15.95 32.61
N VAL C 252 -1.43 -15.51 31.34
CA VAL C 252 -2.61 -15.83 30.56
C VAL C 252 -2.17 -15.98 29.10
N PRO C 253 -3.03 -16.59 28.28
CA PRO C 253 -2.71 -16.62 26.85
C PRO C 253 -2.91 -15.29 26.17
N GLY C 254 -2.23 -15.10 25.06
CA GLY C 254 -2.52 -13.94 24.21
C GLY C 254 -1.99 -14.14 22.82
N GLY C 255 -2.70 -13.57 21.86
CA GLY C 255 -2.29 -13.57 20.46
C GLY C 255 -3.50 -13.71 19.56
N TYR C 256 -3.27 -14.17 18.34
CA TYR C 256 -4.31 -14.29 17.32
C TYR C 256 -4.48 -15.77 16.96
N ASN C 257 -3.68 -16.27 16.02
CA ASN C 257 -3.63 -17.71 15.75
C ASN C 257 -2.65 -18.31 16.74
N LEU C 258 -3.09 -18.40 18.00
CA LEU C 258 -2.18 -18.47 19.15
C LEU C 258 -1.85 -19.85 19.68
N VAL C 259 -2.45 -20.89 19.10
CA VAL C 259 -2.25 -22.25 19.57
C VAL C 259 -1.95 -23.19 18.41
N GLY C 260 -1.44 -24.35 18.77
CA GLY C 260 -1.17 -25.39 17.79
C GLY C 260 -1.07 -26.71 18.51
N LEU C 261 -1.29 -27.78 17.77
CA LEU C 261 -1.21 -29.11 18.33
C LEU C 261 -0.26 -29.96 17.46
N HIS C 262 0.65 -30.66 18.11
CA HIS C 262 1.46 -31.68 17.47
C HIS C 262 0.74 -33.02 17.69
N ARG C 263 0.14 -33.56 16.62
CA ARG C 263 -0.79 -34.65 16.77
C ARG C 263 -0.15 -35.96 17.25
N ALA C 264 1.08 -36.22 16.82
CA ALA C 264 1.72 -37.51 17.20
C ALA C 264 1.98 -37.62 18.71
N SER C 265 2.23 -36.48 19.36
CA SER C 265 2.59 -36.46 20.78
C SER C 265 1.48 -35.97 21.68
N GLY C 266 0.52 -35.24 21.11
CA GLY C 266 -0.50 -34.57 21.90
C GLY C 266 -0.03 -33.27 22.53
N ARG C 267 1.14 -32.78 22.16
CA ARG C 267 1.63 -31.52 22.72
C ARG C 267 0.86 -30.37 22.11
N MET C 268 0.41 -29.48 23.00
CA MET C 268 -0.26 -28.23 22.59
C MET C 268 0.66 -27.05 22.91
N TYR C 269 0.77 -26.15 21.95
CA TYR C 269 1.66 -24.98 22.00
C TYR C 269 0.78 -23.76 22.15
N VAL C 270 1.11 -22.88 23.08
CA VAL C 270 0.29 -21.70 23.41
C VAL C 270 1.16 -20.51 23.73
N PHE C 271 0.87 -19.38 23.11
CA PHE C 271 1.51 -18.10 23.47
C PHE C 271 0.96 -17.55 24.78
N MET C 272 1.88 -17.17 25.68
CA MET C 272 1.50 -16.73 27.03
C MET C 272 2.27 -15.47 27.39
N HIS C 273 1.67 -14.68 28.28
CA HIS C 273 2.35 -13.52 28.81
C HIS C 273 1.96 -13.35 30.28
N PRO C 274 2.88 -12.78 31.08
CA PRO C 274 2.59 -12.47 32.48
C PRO C 274 1.78 -11.19 32.62
N ASP C 275 1.32 -10.95 33.84
CA ASP C 275 0.62 -9.72 34.17
C ASP C 275 -0.63 -9.52 33.31
N GLY C 276 -1.33 -10.63 33.05
CA GLY C 276 -2.54 -10.61 32.30
C GLY C 276 -3.61 -9.87 33.04
N LYS C 277 -4.44 -9.18 32.29
CA LYS C 277 -5.60 -8.51 32.85
C LYS C 277 -6.52 -8.17 31.71
N GLU C 278 -7.68 -7.63 32.02
CA GLU C 278 -8.62 -7.21 30.99
C GLU C 278 -7.95 -6.34 29.94
N GLY C 279 -8.04 -6.79 28.68
CA GLY C 279 -7.47 -6.06 27.55
C GLY C 279 -6.12 -6.56 27.04
N THR C 280 -5.57 -7.61 27.64
CA THR C 280 -4.26 -8.13 27.19
C THR C 280 -4.34 -9.38 26.31
N HIS C 281 -5.53 -9.76 25.87
CA HIS C 281 -5.68 -11.05 25.18
C HIS C 281 -5.04 -11.09 23.79
N LYS C 282 -4.62 -9.96 23.24
CA LYS C 282 -3.90 -9.98 21.95
C LYS C 282 -2.45 -9.52 22.11
N PHE C 283 -1.94 -9.55 23.35
CA PHE C 283 -0.54 -9.19 23.58
C PHE C 283 0.43 -10.22 22.97
N PRO C 284 1.57 -9.73 22.50
CA PRO C 284 2.61 -10.61 22.03
C PRO C 284 3.11 -11.58 23.10
N ALA C 285 3.61 -12.72 22.68
CA ALA C 285 4.03 -13.76 23.60
C ALA C 285 5.32 -13.39 24.32
N ALA C 286 5.31 -13.49 25.66
CA ALA C 286 6.57 -13.52 26.42
C ALA C 286 7.18 -14.90 26.30
N GLU C 287 6.33 -15.93 26.28
CA GLU C 287 6.79 -17.31 26.20
C GLU C 287 5.88 -18.12 25.32
N ILE C 288 6.42 -19.23 24.84
CA ILE C 288 5.59 -20.33 24.32
C ILE C 288 5.59 -21.41 25.37
N TRP C 289 4.42 -21.87 25.77
CA TRP C 289 4.30 -23.00 26.65
C TRP C 289 3.92 -24.23 25.86
N VAL C 290 4.48 -25.35 26.28
CA VAL C 290 4.25 -26.63 25.65
C VAL C 290 3.55 -27.50 26.68
N MET C 291 2.32 -27.89 26.35
CA MET C 291 1.44 -28.60 27.27
C MET C 291 1.25 -30.03 26.80
N ASP C 292 1.30 -30.99 27.73
CA ASP C 292 0.90 -32.35 27.44
C ASP C 292 -0.61 -32.45 27.63
N THR C 293 -1.35 -32.59 26.53
CA THR C 293 -2.82 -32.62 26.63
C THR C 293 -3.39 -33.89 27.28
N LYS C 294 -2.57 -34.94 27.35
CA LYS C 294 -2.98 -36.17 28.02
C LYS C 294 -2.89 -36.00 29.55
N THR C 295 -1.77 -35.46 30.03
CA THR C 295 -1.59 -35.31 31.48
C THR C 295 -2.12 -33.98 32.01
N LYS C 296 -2.43 -33.05 31.09
CA LYS C 296 -2.95 -31.73 31.44
C LYS C 296 -1.97 -30.91 32.29
N GLN C 297 -0.70 -31.03 31.92
CA GLN C 297 0.41 -30.36 32.58
C GLN C 297 1.37 -29.78 31.56
N ARG C 298 2.03 -28.70 31.94
CA ARG C 298 3.08 -28.13 31.14
C ARG C 298 4.32 -29.02 31.17
N VAL C 299 4.98 -29.12 30.03
CA VAL C 299 6.24 -29.83 29.96
C VAL C 299 7.42 -28.94 29.67
N ALA C 300 7.22 -27.83 28.99
CA ALA C 300 8.32 -26.93 28.63
C ALA C 300 7.83 -25.52 28.41
N ARG C 301 8.75 -24.57 28.49
CA ARG C 301 8.47 -23.17 28.22
C ARG C 301 9.71 -22.54 27.64
N ILE C 302 9.54 -21.76 26.56
CA ILE C 302 10.66 -21.09 25.90
C ILE C 302 10.30 -19.64 25.61
N PRO C 303 11.31 -18.81 25.32
CA PRO C 303 11.01 -17.43 25.00
C PRO C 303 10.08 -17.29 23.80
N GLY C 304 9.17 -16.32 23.88
CA GLY C 304 8.17 -16.15 22.84
C GLY C 304 8.52 -15.30 21.66
N ARG C 305 9.59 -14.52 21.76
CA ARG C 305 10.04 -13.64 20.68
C ARG C 305 8.92 -12.74 20.18
N ASP C 306 8.06 -12.30 21.11
CA ASP C 306 6.95 -11.37 20.77
C ASP C 306 6.04 -11.89 19.67
N ALA C 307 5.92 -13.19 19.58
CA ALA C 307 5.09 -13.74 18.54
C ALA C 307 3.61 -13.60 18.85
N LEU C 308 2.82 -13.55 17.80
CA LEU C 308 1.37 -13.38 17.87
C LEU C 308 0.59 -14.55 17.29
N SER C 309 1.16 -15.17 16.24
CA SER C 309 0.51 -16.24 15.50
C SER C 309 1.50 -17.36 15.19
N MET C 310 0.95 -18.57 15.04
CA MET C 310 1.77 -19.74 14.77
C MET C 310 1.06 -20.67 13.80
N THR C 311 1.79 -21.67 13.32
CA THR C 311 1.20 -22.80 12.62
C THR C 311 2.16 -24.00 12.76
N ILE C 312 1.62 -25.19 12.61
CA ILE C 312 2.37 -26.42 12.82
C ILE C 312 2.37 -27.24 11.51
N ASP C 313 3.51 -27.82 11.18
CA ASP C 313 3.58 -28.88 10.17
C ASP C 313 3.78 -30.22 10.89
N GLN C 314 2.81 -31.09 10.75
CA GLN C 314 2.85 -32.37 11.42
C GLN C 314 4.01 -33.25 10.93
N GLN C 315 4.13 -33.39 9.62
CA GLN C 315 5.03 -34.45 9.12
C GLN C 315 6.50 -34.17 9.17
N ARG C 316 6.88 -32.88 9.19
CA ARG C 316 8.26 -32.49 9.38
C ARG C 316 8.54 -32.03 10.82
N ASN C 317 7.50 -32.04 11.67
CA ASN C 317 7.63 -31.67 13.07
C ASN C 317 8.19 -30.27 13.23
N LEU C 318 7.46 -29.31 12.65
CA LEU C 318 7.89 -27.89 12.62
C LEU C 318 6.79 -27.00 13.17
N MET C 319 7.21 -25.91 13.77
CA MET C 319 6.31 -24.83 14.19
C MET C 319 6.88 -23.57 13.66
N LEU C 320 6.05 -22.74 13.02
CA LEU C 320 6.42 -21.37 12.68
C LEU C 320 5.73 -20.43 13.65
N THR C 321 6.43 -19.38 14.04
CA THR C 321 5.78 -18.28 14.76
C THR C 321 6.05 -16.98 14.03
N LEU C 322 5.21 -16.00 14.33
CA LEU C 322 5.15 -14.78 13.56
C LEU C 322 4.80 -13.64 14.47
N ASP C 323 5.59 -12.57 14.41
CA ASP C 323 5.41 -11.43 15.31
C ASP C 323 4.76 -10.24 14.61
N GLY C 324 4.30 -10.43 13.37
CA GLY C 324 3.77 -9.34 12.54
C GLY C 324 4.61 -9.10 11.31
N GLY C 325 5.92 -9.31 11.46
CA GLY C 325 6.88 -9.01 10.41
C GLY C 325 7.91 -10.08 10.15
N ASN C 326 8.24 -10.84 11.18
CA ASN C 326 9.32 -11.83 11.12
C ASN C 326 8.76 -13.20 11.42
N VAL C 327 9.27 -14.22 10.72
CA VAL C 327 8.85 -15.60 10.91
C VAL C 327 9.99 -16.41 11.54
N ASN C 328 9.69 -17.05 12.66
CA ASN C 328 10.62 -17.94 13.31
C ASN C 328 10.29 -19.38 13.00
N VAL C 329 11.33 -20.17 12.69
CA VAL C 329 11.16 -21.56 12.36
C VAL C 329 11.70 -22.43 13.49
N TYR C 330 10.85 -23.28 14.05
CA TYR C 330 11.22 -24.19 15.13
C TYR C 330 11.09 -25.64 14.72
N ASP C 331 12.04 -26.45 15.16
CA ASP C 331 11.94 -27.88 15.18
C ASP C 331 11.22 -28.33 16.48
N ILE C 332 10.07 -28.99 16.32
CA ILE C 332 9.31 -29.51 17.45
C ILE C 332 9.24 -31.05 17.50
N SER C 333 10.29 -31.69 16.99
CA SER C 333 10.40 -33.17 17.02
C SER C 333 10.61 -33.67 18.44
N GLN C 334 11.11 -32.81 19.31
CA GLN C 334 11.28 -33.12 20.73
CA GLN C 334 11.23 -33.14 20.73
C GLN C 334 10.45 -32.12 21.55
N PRO C 335 10.15 -32.42 22.83
CA PRO C 335 9.29 -31.54 23.63
C PRO C 335 9.71 -30.09 23.73
N GLU C 336 11.01 -29.81 23.81
CA GLU C 336 11.51 -28.42 23.77
C GLU C 336 11.72 -27.97 22.35
N PRO C 337 10.98 -26.95 21.89
CA PRO C 337 11.22 -26.47 20.53
C PRO C 337 12.61 -25.92 20.38
N LYS C 338 13.22 -26.18 19.21
CA LYS C 338 14.55 -25.64 18.87
C LYS C 338 14.41 -24.61 17.76
N LEU C 339 14.91 -23.39 17.99
CA LEU C 339 14.87 -22.34 16.99
C LEU C 339 15.91 -22.59 15.94
N LEU C 340 15.48 -22.70 14.68
CA LEU C 340 16.38 -22.97 13.54
C LEU C 340 16.82 -21.70 12.83
N ARG C 341 15.90 -20.77 12.65
CA ARG C 341 16.20 -19.53 11.97
C ARG C 341 15.05 -18.55 12.08
N THR C 342 15.33 -17.29 11.78
CA THR C 342 14.33 -16.26 11.70
C THR C 342 14.43 -15.65 10.32
N ILE C 343 13.27 -15.52 9.67
CA ILE C 343 13.14 -14.83 8.40
C ILE C 343 12.67 -13.42 8.69
N GLU C 344 13.57 -12.43 8.55
CA GLU C 344 13.25 -11.08 8.89
C GLU C 344 12.59 -10.40 7.72
N GLY C 345 11.61 -9.56 8.02
CA GLY C 345 10.96 -8.77 6.99
C GLY C 345 10.15 -9.57 6.00
N ALA C 346 9.54 -10.65 6.49
CA ALA C 346 8.67 -11.48 5.69
C ALA C 346 7.34 -10.78 5.35
N ALA C 347 6.96 -9.79 6.15
CA ALA C 347 5.72 -9.05 5.93
C ALA C 347 5.85 -7.73 6.66
N GLU C 348 4.96 -6.80 6.31
CA GLU C 348 4.79 -5.56 7.06
C GLU C 348 3.74 -5.71 8.15
N ALA C 349 2.69 -6.47 7.88
CA ALA C 349 1.60 -6.60 8.83
C ALA C 349 0.87 -7.92 8.61
N SER C 350 1.49 -8.99 9.09
CA SER C 350 0.92 -10.32 8.95
C SER C 350 0.58 -10.92 10.28
N LEU C 351 -0.62 -11.54 10.37
CA LEU C 351 -1.01 -12.32 11.55
C LEU C 351 -1.28 -13.76 11.19
N GLN C 352 -0.81 -14.20 10.02
CA GLN C 352 -1.05 -15.58 9.58
C GLN C 352 0.05 -16.11 8.66
N VAL C 353 0.62 -17.25 9.04
CA VAL C 353 1.52 -17.99 8.19
C VAL C 353 1.03 -19.45 8.12
N GLN C 354 1.25 -20.05 6.95
CA GLN C 354 0.80 -21.40 6.68
C GLN C 354 1.85 -22.16 5.87
N PHE C 355 1.98 -23.46 6.14
CA PHE C 355 2.83 -24.31 5.31
C PHE C 355 2.10 -24.76 4.04
N HIS C 356 2.86 -24.96 2.96
CA HIS C 356 2.32 -25.74 1.86
C HIS C 356 1.96 -27.14 2.34
N PRO C 357 0.74 -27.61 2.07
CA PRO C 357 0.39 -28.98 2.46
C PRO C 357 1.21 -30.04 1.74
N VAL C 358 1.62 -31.08 2.47
CA VAL C 358 2.34 -32.20 1.85
C VAL C 358 1.59 -33.54 2.03
N GLY C 359 0.60 -33.56 2.91
CA GLY C 359 -0.16 -34.80 3.21
C GLY C 359 -1.03 -35.40 2.09
N GLY C 360 -1.30 -34.64 1.03
CA GLY C 360 -2.23 -35.09 -0.03
C GLY C 360 -3.67 -35.12 0.44
N GLU D 2 -24.16 11.41 21.50
CA GLU D 2 -23.41 11.90 20.29
C GLU D 2 -23.82 11.12 19.07
N VAL D 3 -23.63 11.73 17.91
CA VAL D 3 -23.92 11.08 16.64
C VAL D 3 -22.78 11.36 15.65
N LEU D 4 -22.30 10.31 15.00
CA LEU D 4 -21.28 10.45 13.98
C LEU D 4 -21.91 11.04 12.74
N THR D 5 -21.27 12.06 12.19
CA THR D 5 -21.71 12.69 10.96
C THR D 5 -20.59 12.74 9.93
N GLY D 6 -21.00 12.73 8.66
CA GLY D 6 -20.11 13.07 7.56
C GLY D 6 -20.60 14.30 6.84
N GLY D 7 -20.09 14.50 5.64
CA GLY D 7 -20.45 15.65 4.81
C GLY D 7 -19.72 16.92 5.15
N HIS D 8 -18.67 16.83 5.96
CA HIS D 8 -17.94 18.00 6.42
C HIS D 8 -16.90 18.50 5.47
N SER D 9 -16.62 19.79 5.57
CA SER D 9 -15.59 20.42 4.79
C SER D 9 -14.28 20.43 5.51
N VAL D 10 -13.22 20.65 4.76
CA VAL D 10 -11.88 20.78 5.30
C VAL D 10 -11.85 21.92 6.35
N SER D 11 -11.19 21.67 7.48
CA SER D 11 -11.32 22.54 8.66
C SER D 11 -10.55 23.88 8.55
N ALA D 12 -9.48 23.89 7.78
CA ALA D 12 -8.64 25.08 7.60
C ALA D 12 -8.96 25.72 6.27
N PRO D 13 -8.80 27.05 6.16
CA PRO D 13 -9.17 27.70 4.92
C PRO D 13 -8.21 27.37 3.77
N GLN D 14 -8.67 27.57 2.55
CA GLN D 14 -7.91 27.19 1.37
C GLN D 14 -6.50 27.72 1.37
N GLU D 15 -6.33 28.98 1.78
CA GLU D 15 -5.03 29.62 1.77
C GLU D 15 -3.98 28.98 2.71
N ASN D 16 -4.42 28.07 3.59
CA ASN D 16 -3.54 27.36 4.47
C ASN D 16 -3.11 26.00 3.90
N ARG D 17 -3.72 25.58 2.80
CA ARG D 17 -3.59 24.17 2.34
C ARG D 17 -2.46 23.91 1.35
N ILE D 18 -1.82 22.75 1.51
CA ILE D 18 -0.87 22.22 0.57
C ILE D 18 -1.25 20.76 0.31
N TYR D 19 -0.77 20.27 -0.82
CA TYR D 19 -1.09 18.93 -1.34
C TYR D 19 0.19 18.19 -1.57
N VAL D 20 0.39 17.11 -0.81
CA VAL D 20 1.57 16.28 -0.88
C VAL D 20 1.17 15.01 -1.60
N MET D 21 1.72 14.81 -2.78
CA MET D 21 1.33 13.69 -3.64
C MET D 21 2.15 12.50 -3.21
N ASP D 22 1.52 11.57 -2.48
CA ASP D 22 2.25 10.42 -1.97
C ASP D 22 2.12 9.27 -2.97
N SER D 23 3.20 8.96 -3.67
CA SER D 23 3.19 7.82 -4.58
C SER D 23 3.03 6.52 -3.86
N VAL D 24 3.45 6.44 -2.60
CA VAL D 24 3.47 5.17 -1.89
C VAL D 24 4.06 4.08 -2.79
N PHE D 25 5.27 4.32 -3.26
CA PHE D 25 5.89 3.43 -4.25
C PHE D 25 5.93 1.99 -3.78
N MET D 26 6.10 1.76 -2.48
CA MET D 26 6.10 0.38 -1.96
C MET D 26 4.76 -0.33 -2.18
N HIS D 27 3.69 0.46 -2.26
CA HIS D 27 2.33 -0.03 -2.52
C HIS D 27 1.64 0.92 -3.48
N LEU D 28 2.20 0.96 -4.70
CA LEU D 28 1.90 2.01 -5.67
C LEU D 28 0.45 2.04 -6.13
N THR D 29 -0.28 0.94 -5.93
CA THR D 29 -1.71 0.92 -6.21
C THR D 29 -2.56 1.66 -5.21
N GLU D 30 -1.96 2.13 -4.11
CA GLU D 30 -2.69 2.92 -3.10
C GLU D 30 -2.03 4.29 -2.86
N SER D 31 -1.58 4.90 -3.95
CA SER D 31 -1.11 6.29 -3.93
C SER D 31 -2.26 7.19 -3.49
N ARG D 32 -1.91 8.34 -2.95
CA ARG D 32 -2.94 9.26 -2.51
C ARG D 32 -2.36 10.65 -2.38
N VAL D 33 -3.25 11.62 -2.29
CA VAL D 33 -2.87 13.01 -2.02
C VAL D 33 -3.17 13.28 -0.53
N HIS D 34 -2.17 13.75 0.21
CA HIS D 34 -2.35 14.17 1.58
C HIS D 34 -2.48 15.70 1.60
N VAL D 35 -3.54 16.18 2.24
CA VAL D 35 -3.80 17.62 2.40
C VAL D 35 -3.34 18.06 3.78
N TYR D 36 -2.46 19.05 3.82
CA TYR D 36 -1.90 19.57 5.07
C TYR D 36 -2.12 21.06 5.17
N ASP D 37 -2.14 21.56 6.42
CA ASP D 37 -2.08 22.98 6.71
C ASP D 37 -0.60 23.32 6.87
N TYR D 38 -0.04 24.15 5.99
CA TYR D 38 1.37 24.43 6.08
C TYR D 38 1.72 25.35 7.25
N THR D 39 0.69 25.99 7.82
CA THR D 39 0.95 26.98 8.89
C THR D 39 1.18 26.32 10.23
N ASN D 40 0.66 25.10 10.40
CA ASN D 40 0.82 24.40 11.67
C ASN D 40 1.10 22.90 11.56
N GLY D 41 1.22 22.37 10.34
CA GLY D 41 1.55 20.95 10.13
C GLY D 41 0.38 20.01 10.31
N LYS D 42 -0.85 20.52 10.45
CA LYS D 42 -2.02 19.67 10.68
C LYS D 42 -2.43 18.91 9.42
N PHE D 43 -2.70 17.62 9.57
CA PHE D 43 -3.27 16.80 8.51
C PHE D 43 -4.75 17.12 8.36
N LEU D 44 -5.18 17.47 7.15
CA LEU D 44 -6.54 17.97 6.91
C LEU D 44 -7.46 16.97 6.18
N GLY D 45 -6.85 16.03 5.46
CA GLY D 45 -7.62 15.09 4.70
C GLY D 45 -6.79 14.50 3.58
N MET D 46 -7.45 13.75 2.72
CA MET D 46 -6.74 13.05 1.65
C MET D 46 -7.66 12.68 0.50
N VAL D 47 -7.06 12.42 -0.66
CA VAL D 47 -7.80 11.96 -1.84
C VAL D 47 -7.12 10.71 -2.34
N PRO D 48 -7.86 9.59 -2.41
CA PRO D 48 -7.25 8.36 -2.92
C PRO D 48 -7.02 8.41 -4.42
N THR D 49 -5.89 7.94 -4.90
CA THR D 49 -5.55 8.06 -6.33
C THR D 49 -5.01 6.77 -6.96
N ALA D 50 -5.38 5.63 -6.37
CA ALA D 50 -5.17 4.32 -7.02
C ALA D 50 -3.72 4.17 -7.49
N PHE D 51 -3.49 3.65 -8.69
CA PHE D 51 -2.14 3.35 -9.14
C PHE D 51 -1.43 4.58 -9.65
N ASN D 52 -0.37 5.02 -8.96
CA ASN D 52 0.51 6.08 -9.47
C ASN D 52 -0.31 7.30 -9.88
N GLY D 53 -1.02 7.86 -8.92
CA GLY D 53 -1.79 9.06 -9.13
C GLY D 53 -0.93 10.27 -9.40
N HIS D 54 -1.49 11.21 -10.17
CA HIS D 54 -0.96 12.57 -10.32
C HIS D 54 -2.05 13.52 -9.91
N VAL D 55 -1.66 14.73 -9.55
CA VAL D 55 -2.61 15.67 -8.98
C VAL D 55 -2.25 17.11 -9.34
N GLN D 56 -3.29 17.94 -9.49
CA GLN D 56 -3.13 19.40 -9.54
C GLN D 56 -4.39 20.03 -8.98
N VAL D 57 -4.32 21.31 -8.68
CA VAL D 57 -5.49 22.02 -8.20
C VAL D 57 -5.92 22.95 -9.34
N SER D 58 -7.23 23.08 -9.53
CA SER D 58 -7.74 24.00 -10.55
C SER D 58 -7.24 25.40 -10.27
N ASN D 59 -6.95 26.13 -11.34
CA ASN D 59 -6.39 27.47 -11.19
C ASN D 59 -7.29 28.37 -10.37
N ASP D 60 -8.61 28.15 -10.45
CA ASP D 60 -9.60 28.93 -9.69
C ASP D 60 -9.77 28.47 -8.23
N GLY D 61 -9.01 27.45 -7.84
CA GLY D 61 -9.00 26.95 -6.45
C GLY D 61 -10.22 26.16 -5.98
N LYS D 62 -11.17 25.84 -6.86
CA LYS D 62 -12.40 25.19 -6.46
C LYS D 62 -12.33 23.65 -6.46
N LYS D 63 -11.52 23.10 -7.35
CA LYS D 63 -11.50 21.64 -7.57
C LYS D 63 -10.07 21.09 -7.54
N ILE D 64 -9.99 19.82 -7.17
CA ILE D 64 -8.77 19.04 -7.27
C ILE D 64 -8.93 18.08 -8.47
N TYR D 65 -7.94 18.09 -9.33
CA TYR D 65 -7.89 17.17 -10.47
C TYR D 65 -6.87 16.09 -10.15
N THR D 66 -7.29 14.85 -10.33
CA THR D 66 -6.34 13.75 -10.28
C THR D 66 -6.32 12.98 -11.61
N MET D 67 -5.25 12.25 -11.84
CA MET D 67 -5.13 11.40 -13.01
C MET D 67 -4.62 10.08 -12.48
N THR D 68 -5.26 9.00 -12.90
CA THR D 68 -4.89 7.68 -12.41
C THR D 68 -5.30 6.58 -13.37
N THR D 69 -4.93 5.37 -13.01
CA THR D 69 -5.23 4.14 -13.78
C THR D 69 -5.89 3.15 -12.88
N TYR D 70 -7.02 2.60 -13.35
CA TYR D 70 -7.71 1.48 -12.72
C TYR D 70 -7.64 0.27 -13.67
N HIS D 71 -7.78 -0.91 -13.09
CA HIS D 71 -8.17 -2.11 -13.85
C HIS D 71 -9.31 -2.79 -13.11
N GLU D 72 -10.11 -3.56 -13.86
CA GLU D 72 -11.29 -4.19 -13.29
C GLU D 72 -10.98 -5.05 -12.07
N ARG D 73 -9.81 -5.69 -12.09
CA ARG D 73 -9.36 -6.52 -10.99
C ARG D 73 -7.91 -6.15 -10.56
N ILE D 74 -7.58 -4.86 -10.74
CA ILE D 74 -6.31 -4.24 -10.32
C ILE D 74 -5.10 -4.75 -11.11
N THR D 75 -4.76 -6.02 -10.92
CA THR D 75 -3.64 -6.64 -11.60
C THR D 75 -4.06 -7.45 -12.83
N ARG D 76 -5.36 -7.45 -13.13
CA ARG D 76 -5.87 -8.05 -14.36
C ARG D 76 -7.19 -7.32 -14.71
N GLY D 77 -7.68 -7.56 -15.90
CA GLY D 77 -8.92 -6.95 -16.38
C GLY D 77 -8.69 -5.66 -17.11
N LYS D 78 -9.79 -5.12 -17.64
CA LYS D 78 -9.73 -3.97 -18.50
C LYS D 78 -9.20 -2.73 -17.78
N ARG D 79 -8.38 -1.99 -18.50
CA ARG D 79 -7.78 -0.73 -18.02
C ARG D 79 -8.70 0.44 -18.24
N SER D 80 -8.78 1.30 -17.22
CA SER D 80 -9.39 2.63 -17.37
C SER D 80 -8.43 3.72 -16.87
N ASP D 81 -7.90 4.51 -17.79
CA ASP D 81 -7.17 5.72 -17.44
C ASP D 81 -8.16 6.85 -17.35
N VAL D 82 -8.06 7.67 -16.30
CA VAL D 82 -9.03 8.73 -16.05
C VAL D 82 -8.40 9.99 -15.51
N VAL D 83 -9.07 11.09 -15.76
CA VAL D 83 -8.97 12.28 -14.90
C VAL D 83 -10.19 12.28 -14.00
N GLU D 84 -9.99 12.59 -12.71
CA GLU D 84 -11.11 12.79 -11.82
C GLU D 84 -11.16 14.22 -11.31
N VAL D 85 -12.38 14.74 -11.19
CA VAL D 85 -12.63 16.04 -10.59
C VAL D 85 -13.22 15.82 -9.24
N TRP D 86 -12.55 16.40 -8.23
CA TRP D 86 -12.92 16.36 -6.84
C TRP D 86 -13.22 17.78 -6.32
N ASP D 87 -14.17 17.89 -5.42
CA ASP D 87 -14.42 19.16 -4.78
C ASP D 87 -13.30 19.43 -3.79
N ALA D 88 -12.70 20.63 -3.83
CA ALA D 88 -11.60 20.93 -2.95
C ALA D 88 -11.99 21.04 -1.48
N ASP D 89 -13.15 21.61 -1.17
CA ASP D 89 -13.51 21.82 0.24
C ASP D 89 -14.12 20.57 0.89
N LYS D 90 -14.86 19.77 0.13
CA LYS D 90 -15.47 18.55 0.65
C LYS D 90 -14.60 17.31 0.44
N LEU D 91 -13.60 17.41 -0.45
CA LEU D 91 -12.71 16.25 -0.78
C LEU D 91 -13.55 15.03 -1.17
N THR D 92 -14.52 15.29 -2.05
CA THR D 92 -15.42 14.29 -2.58
C THR D 92 -15.29 14.22 -4.11
N PHE D 93 -15.50 13.01 -4.62
CA PHE D 93 -15.47 12.74 -6.04
C PHE D 93 -16.69 13.32 -6.72
N GLU D 94 -16.48 14.00 -7.86
CA GLU D 94 -17.57 14.57 -8.64
C GLU D 94 -17.73 13.92 -10.00
N LYS D 95 -16.65 13.80 -10.77
CA LYS D 95 -16.75 13.38 -12.17
C LYS D 95 -15.49 12.63 -12.58
N GLU D 96 -15.68 11.62 -13.43
CA GLU D 96 -14.62 10.92 -14.10
C GLU D 96 -14.65 11.30 -15.57
N ILE D 97 -13.49 11.58 -16.12
CA ILE D 97 -13.30 11.85 -17.54
C ILE D 97 -12.40 10.74 -18.09
N SER D 98 -12.92 10.00 -19.05
CA SER D 98 -12.20 8.89 -19.65
C SER D 98 -11.07 9.36 -20.53
N LEU D 99 -9.91 8.74 -20.38
CA LEU D 99 -8.74 8.96 -21.24
C LEU D 99 -8.43 7.71 -22.02
N PRO D 100 -7.76 7.86 -23.17
CA PRO D 100 -7.24 6.66 -23.81
C PRO D 100 -6.18 6.00 -22.90
N PRO D 101 -6.01 4.68 -23.00
CA PRO D 101 -5.17 3.94 -22.03
C PRO D 101 -3.67 4.08 -22.28
N LYS D 102 -3.18 5.31 -22.22
CA LYS D 102 -1.78 5.64 -22.43
C LYS D 102 -1.35 6.86 -21.63
N ARG D 103 -2.07 7.23 -20.58
CA ARG D 103 -1.62 8.35 -19.75
C ARG D 103 -0.26 7.98 -19.13
N VAL D 104 0.60 8.98 -18.94
CA VAL D 104 1.94 8.70 -18.44
C VAL D 104 1.87 8.09 -17.06
N GLN D 105 2.54 6.95 -16.90
CA GLN D 105 2.78 6.34 -15.60
C GLN D 105 4.24 6.60 -15.28
N GLY D 106 4.48 7.30 -14.19
CA GLY D 106 5.83 7.74 -13.85
C GLY D 106 5.79 8.66 -12.65
N LEU D 107 6.98 9.03 -12.21
CA LEU D 107 7.13 9.88 -11.05
C LEU D 107 6.54 11.25 -11.29
N ASN D 108 6.22 11.94 -10.18
CA ASN D 108 5.38 13.12 -10.19
C ASN D 108 6.09 14.45 -10.47
N TYR D 109 6.64 14.57 -11.68
CA TYR D 109 7.07 15.88 -12.16
C TYR D 109 5.85 16.74 -12.45
N ASP D 110 5.91 18.03 -12.13
CA ASP D 110 4.79 18.93 -12.36
C ASP D 110 4.31 18.87 -13.81
N GLY D 111 5.26 18.84 -14.74
CA GLY D 111 4.95 19.01 -16.16
C GLY D 111 4.25 17.85 -16.82
N LEU D 112 3.97 16.77 -16.11
CA LEU D 112 3.23 15.67 -16.70
C LEU D 112 1.69 15.84 -16.63
N PHE D 113 1.22 16.80 -15.85
CA PHE D 113 -0.19 16.97 -15.61
C PHE D 113 -0.42 18.40 -15.22
N ARG D 114 -0.86 19.20 -16.19
CA ARG D 114 -0.92 20.66 -16.06
C ARG D 114 -2.26 21.15 -16.61
N GLN D 115 -2.42 22.46 -16.68
CA GLN D 115 -3.64 23.06 -17.25
C GLN D 115 -3.28 24.35 -17.95
N THR D 116 -4.11 24.76 -18.91
CA THR D 116 -3.92 26.05 -19.57
C THR D 116 -4.09 27.16 -18.54
N THR D 117 -3.50 28.31 -18.84
CA THR D 117 -3.59 29.45 -17.92
C THR D 117 -5.03 29.84 -17.62
N ASP D 118 -5.90 29.76 -18.62
CA ASP D 118 -7.30 30.11 -18.42
C ASP D 118 -8.12 29.06 -17.65
N GLY D 119 -7.48 27.92 -17.34
CA GLY D 119 -8.11 26.89 -16.56
C GLY D 119 -9.10 26.02 -17.31
N LYS D 120 -9.28 26.26 -18.61
CA LYS D 120 -10.35 25.60 -19.33
C LYS D 120 -9.98 24.17 -19.73
N PHE D 121 -8.69 23.95 -19.93
CA PHE D 121 -8.20 22.64 -20.41
C PHE D 121 -7.12 22.08 -19.52
N ILE D 122 -7.25 20.79 -19.25
CA ILE D 122 -6.17 20.01 -18.67
C ILE D 122 -5.30 19.52 -19.79
N VAL D 123 -4.00 19.59 -19.58
CA VAL D 123 -3.01 19.24 -20.56
C VAL D 123 -2.11 18.23 -19.91
N LEU D 124 -2.12 17.01 -20.44
CA LEU D 124 -1.41 15.89 -19.81
C LEU D 124 -0.49 15.15 -20.78
N GLN D 125 0.53 14.52 -20.24
CA GLN D 125 1.47 13.75 -21.04
C GLN D 125 1.00 12.29 -21.18
N ASN D 126 0.99 11.79 -22.42
CA ASN D 126 0.78 10.38 -22.75
C ASN D 126 2.07 9.70 -23.21
N ALA D 127 2.13 8.40 -23.01
CA ALA D 127 3.25 7.59 -23.52
C ALA D 127 2.72 6.18 -23.73
N SER D 128 2.83 5.70 -24.95
CA SER D 128 2.28 4.40 -25.30
C SER D 128 3.22 3.25 -25.69
N PRO D 129 4.53 3.45 -25.94
CA PRO D 129 5.39 4.48 -25.38
C PRO D 129 5.59 5.70 -26.28
N ALA D 130 5.01 5.71 -27.48
CA ALA D 130 5.09 6.92 -28.29
C ALA D 130 4.46 8.03 -27.49
N THR D 131 5.04 9.22 -27.56
CA THR D 131 4.55 10.31 -26.73
C THR D 131 3.61 11.23 -27.50
N SER D 132 2.61 11.73 -26.82
CA SER D 132 1.69 12.73 -27.33
C SER D 132 1.15 13.48 -26.13
N ILE D 133 0.50 14.62 -26.37
CA ILE D 133 -0.07 15.41 -25.29
C ILE D 133 -1.58 15.34 -25.41
N GLY D 134 -2.27 15.01 -24.31
CA GLY D 134 -3.71 14.91 -24.27
C GLY D 134 -4.33 16.18 -23.77
N ILE D 135 -5.45 16.56 -24.38
CA ILE D 135 -6.20 17.74 -23.99
C ILE D 135 -7.58 17.35 -23.51
N VAL D 136 -7.93 17.77 -22.28
CA VAL D 136 -9.20 17.52 -21.67
C VAL D 136 -9.95 18.82 -21.45
N ASP D 137 -11.19 18.89 -21.95
CA ASP D 137 -12.10 20.00 -21.70
C ASP D 137 -12.80 19.73 -20.39
N VAL D 138 -12.46 20.50 -19.35
CA VAL D 138 -12.91 20.18 -18.00
C VAL D 138 -14.42 20.31 -17.85
N ALA D 139 -14.96 21.43 -18.30
CA ALA D 139 -16.39 21.73 -18.24
C ALA D 139 -17.19 20.68 -18.98
N LYS D 140 -16.79 20.36 -20.21
CA LYS D 140 -17.50 19.39 -21.01
C LYS D 140 -17.28 17.96 -20.53
N GLY D 141 -16.16 17.72 -19.86
CA GLY D 141 -15.83 16.39 -19.37
C GLY D 141 -15.40 15.48 -20.49
N ASP D 142 -14.73 16.07 -21.49
CA ASP D 142 -14.33 15.37 -22.71
C ASP D 142 -12.83 15.39 -22.93
N TYR D 143 -12.35 14.32 -23.58
CA TYR D 143 -11.00 14.26 -24.13
C TYR D 143 -11.06 14.77 -25.55
N VAL D 144 -10.49 15.94 -25.76
CA VAL D 144 -10.76 16.75 -26.96
C VAL D 144 -9.83 16.42 -28.10
N GLU D 145 -8.59 16.08 -27.79
CA GLU D 145 -7.64 15.76 -28.85
C GLU D 145 -6.31 15.29 -28.32
N ASP D 146 -5.60 14.61 -29.20
CA ASP D 146 -4.34 13.96 -28.93
C ASP D 146 -3.32 14.71 -29.79
N VAL D 147 -2.38 15.43 -29.16
CA VAL D 147 -1.41 16.25 -29.88
C VAL D 147 -0.23 15.36 -30.28
N THR D 148 -0.35 14.69 -31.43
CA THR D 148 0.69 13.77 -31.85
C THR D 148 1.86 14.53 -32.46
N ALA D 149 1.66 15.81 -32.73
CA ALA D 149 2.76 16.69 -33.14
C ALA D 149 3.90 16.74 -32.13
N ALA D 150 3.61 16.39 -30.88
CA ALA D 150 4.60 16.40 -29.80
C ALA D 150 5.36 15.08 -29.63
N ALA D 151 5.19 14.15 -30.57
CA ALA D 151 5.99 12.95 -30.58
C ALA D 151 7.46 13.28 -30.47
N GLY D 152 8.17 12.55 -29.63
CA GLY D 152 9.59 12.81 -29.40
C GLY D 152 9.88 13.97 -28.44
N CYS D 153 8.84 14.52 -27.83
CA CYS D 153 8.96 15.57 -26.83
C CYS D 153 8.41 15.06 -25.50
N TRP D 154 8.57 15.87 -24.45
CA TRP D 154 8.22 15.45 -23.10
C TRP D 154 7.94 16.63 -22.22
N SER D 155 6.79 16.55 -21.57
CA SER D 155 6.33 17.43 -20.51
C SER D 155 5.72 18.73 -21.02
N VAL D 156 4.94 19.35 -20.16
CA VAL D 156 4.08 20.47 -20.52
C VAL D 156 4.46 21.67 -19.67
N ILE D 157 4.78 22.80 -20.32
CA ILE D 157 5.12 24.04 -19.64
C ILE D 157 4.11 25.06 -20.12
N PRO D 158 3.10 25.39 -19.31
CA PRO D 158 2.10 26.39 -19.72
C PRO D 158 2.75 27.74 -19.88
N GLN D 159 2.25 28.55 -20.81
CA GLN D 159 2.72 29.92 -20.97
C GLN D 159 1.77 30.82 -20.16
N PRO D 160 2.25 31.36 -19.01
CA PRO D 160 1.33 32.15 -18.18
C PRO D 160 0.83 33.49 -18.75
N ASN D 161 1.40 33.92 -19.87
CA ASN D 161 0.93 35.16 -20.54
C ASN D 161 -0.09 34.96 -21.64
N ARG D 162 -0.52 33.71 -21.87
CA ARG D 162 -1.53 33.40 -22.88
C ARG D 162 -2.52 32.41 -22.29
N PRO D 163 -3.78 32.46 -22.76
CA PRO D 163 -4.86 31.69 -22.15
C PRO D 163 -4.80 30.18 -22.40
N ARG D 164 -4.33 29.76 -23.56
CA ARG D 164 -4.36 28.33 -23.90
C ARG D 164 -3.21 27.96 -24.80
N SER D 165 -2.01 28.29 -24.32
CA SER D 165 -0.77 27.96 -24.97
C SER D 165 0.18 27.27 -23.99
N PHE D 166 0.99 26.36 -24.50
CA PHE D 166 1.98 25.66 -23.70
C PHE D 166 3.11 25.21 -24.56
N MET D 167 4.22 24.85 -23.93
CA MET D 167 5.38 24.37 -24.61
C MET D 167 5.76 23.00 -24.13
N THR D 168 6.54 22.31 -24.94
CA THR D 168 7.11 21.03 -24.55
C THR D 168 8.56 20.92 -25.02
N ILE D 169 9.36 20.16 -24.31
CA ILE D 169 10.80 20.02 -24.60
C ILE D 169 11.00 18.83 -25.51
N CYS D 170 11.69 19.03 -26.64
CA CYS D 170 11.80 18.00 -27.64
C CYS D 170 13.19 17.43 -27.77
N GLY D 171 13.29 16.24 -28.35
CA GLY D 171 14.57 15.55 -28.47
C GLY D 171 15.60 16.23 -29.37
N ASP D 172 15.18 17.26 -30.09
CA ASP D 172 16.09 18.06 -30.90
C ASP D 172 16.76 19.16 -30.09
N GLY D 173 16.44 19.24 -28.80
CA GLY D 173 16.98 20.27 -27.93
C GLY D 173 16.28 21.60 -28.05
N GLY D 174 15.14 21.61 -28.75
CA GLY D 174 14.29 22.76 -28.83
C GLY D 174 12.94 22.59 -28.16
N LEU D 175 12.12 23.63 -28.26
CA LEU D 175 10.79 23.65 -27.67
C LEU D 175 9.75 23.72 -28.75
N LEU D 176 8.68 22.96 -28.57
CA LEU D 176 7.49 23.03 -29.41
C LEU D 176 6.43 23.77 -28.62
N THR D 177 5.83 24.78 -29.26
CA THR D 177 4.78 25.55 -28.67
C THR D 177 3.48 25.16 -29.38
N ILE D 178 2.46 24.90 -28.58
CA ILE D 178 1.16 24.54 -29.07
C ILE D 178 0.18 25.60 -28.60
N ASN D 179 -0.60 26.15 -29.52
CA ASN D 179 -1.67 27.06 -29.20
C ASN D 179 -3.02 26.45 -29.50
N LEU D 180 -3.91 26.34 -28.51
CA LEU D 180 -5.20 25.70 -28.69
C LEU D 180 -6.28 26.72 -29.07
N GLY D 181 -7.27 26.25 -29.82
CA GLY D 181 -8.48 27.02 -30.06
C GLY D 181 -9.44 26.89 -28.90
N GLU D 182 -10.57 27.58 -28.99
CA GLU D 182 -11.53 27.60 -27.91
C GLU D 182 -12.18 26.22 -27.68
N ASP D 183 -12.06 25.34 -28.66
CA ASP D 183 -12.57 23.99 -28.52
C ASP D 183 -11.53 23.01 -27.96
N GLY D 184 -10.30 23.47 -27.76
CA GLY D 184 -9.23 22.61 -27.22
C GLY D 184 -8.41 21.91 -28.28
N LYS D 185 -8.78 22.08 -29.55
CA LYS D 185 -8.01 21.49 -30.64
C LYS D 185 -6.83 22.40 -30.97
N VAL D 186 -5.79 21.82 -31.56
CA VAL D 186 -4.61 22.60 -31.95
C VAL D 186 -5.00 23.63 -33.01
N ALA D 187 -4.78 24.91 -32.71
CA ALA D 187 -5.02 26.02 -33.65
C ALA D 187 -3.76 26.40 -34.42
N SER D 188 -2.61 26.38 -33.74
CA SER D 188 -1.33 26.60 -34.38
C SER D 188 -0.20 26.06 -33.52
N GLN D 189 0.98 25.97 -34.12
CA GLN D 189 2.16 25.49 -33.41
C GLN D 189 3.39 26.11 -34.01
N SER D 190 4.48 26.14 -33.24
CA SER D 190 5.76 26.58 -33.75
C SER D 190 6.88 25.88 -32.98
N ARG D 191 8.04 25.77 -33.62
CA ARG D 191 9.24 25.15 -33.04
C ARG D 191 10.32 26.20 -32.90
N SER D 192 10.99 26.22 -31.75
CA SER D 192 12.06 27.16 -31.49
C SER D 192 13.33 26.69 -32.17
N LYS D 193 14.36 27.53 -32.17
CA LYS D 193 15.68 27.06 -32.51
C LYS D 193 16.18 26.20 -31.36
N GLN D 194 17.27 25.49 -31.60
CA GLN D 194 17.84 24.62 -30.59
C GLN D 194 18.30 25.45 -29.41
N MET D 195 17.87 25.05 -28.21
CA MET D 195 18.22 25.75 -26.98
C MET D 195 19.42 25.12 -26.28
N PHE D 196 19.48 23.79 -26.26
CA PHE D 196 20.52 23.07 -25.55
C PHE D 196 20.94 21.82 -26.32
N SER D 197 22.17 21.35 -26.06
CA SER D 197 22.66 20.10 -26.62
C SER D 197 22.17 18.94 -25.78
N VAL D 198 21.37 18.08 -26.38
CA VAL D 198 20.83 16.94 -25.68
C VAL D 198 21.97 16.02 -25.22
N ALA D 199 23.00 15.89 -26.04
CA ALA D 199 24.13 15.01 -25.73
C ALA D 199 25.08 15.66 -24.72
N ASP D 200 25.43 16.93 -24.92
CA ASP D 200 26.54 17.53 -24.17
C ASP D 200 26.12 18.30 -22.94
N ASP D 201 24.87 18.78 -22.90
CA ASP D 201 24.41 19.55 -21.76
C ASP D 201 22.91 19.38 -21.53
N PRO D 202 22.50 18.13 -21.21
CA PRO D 202 21.08 17.88 -21.01
C PRO D 202 20.50 18.73 -19.89
N ILE D 203 19.32 19.27 -20.10
CA ILE D 203 18.63 20.02 -19.09
C ILE D 203 17.67 19.14 -18.29
N PHE D 204 17.44 19.53 -17.05
CA PHE D 204 16.34 19.02 -16.24
C PHE D 204 15.05 19.58 -16.83
N ILE D 205 13.99 18.80 -16.81
CA ILE D 205 12.74 19.28 -17.41
C ILE D 205 12.01 20.33 -16.60
N ALA D 206 12.24 20.39 -15.29
CA ALA D 206 11.50 21.29 -14.43
C ALA D 206 11.83 22.73 -14.76
N PRO D 207 10.81 23.52 -15.15
CA PRO D 207 11.11 24.92 -15.42
C PRO D 207 11.13 25.77 -14.18
N ALA D 208 11.91 26.86 -14.22
CA ALA D 208 11.75 27.97 -13.31
C ALA D 208 10.96 28.99 -14.11
N LEU D 209 9.67 29.05 -13.85
CA LEU D 209 8.70 29.61 -14.78
C LEU D 209 8.33 31.03 -14.36
N ASP D 210 8.58 31.98 -15.26
CA ASP D 210 8.12 33.35 -15.11
C ASP D 210 6.86 33.55 -15.96
N LYS D 211 6.31 34.76 -15.95
CA LYS D 211 5.09 35.05 -16.71
C LYS D 211 5.29 34.94 -18.21
N ASP D 212 6.48 35.29 -18.68
CA ASP D 212 6.77 35.36 -20.12
C ASP D 212 8.09 34.73 -20.51
N LYS D 213 8.73 34.04 -19.57
CA LYS D 213 9.90 33.25 -19.89
C LYS D 213 10.04 32.10 -18.90
N ALA D 214 10.85 31.12 -19.29
CA ALA D 214 11.16 29.98 -18.45
C ALA D 214 12.65 29.74 -18.48
N HIS D 215 13.23 29.42 -17.32
CA HIS D 215 14.62 29.05 -17.21
C HIS D 215 14.74 27.58 -16.87
N PHE D 216 15.83 26.98 -17.32
CA PHE D 216 16.09 25.55 -17.10
C PHE D 216 17.55 25.37 -16.69
N VAL D 217 17.81 24.45 -15.77
CA VAL D 217 19.17 24.11 -15.39
C VAL D 217 19.60 22.79 -15.99
N SER D 218 20.91 22.65 -16.19
CA SER D 218 21.46 21.49 -16.83
C SER D 218 22.16 20.56 -15.85
N TYR D 219 22.45 19.34 -16.30
CA TYR D 219 23.17 18.35 -15.52
C TYR D 219 24.51 18.88 -15.03
N TYR D 220 25.09 19.84 -15.75
CA TYR D 220 26.44 20.35 -15.47
C TYR D 220 26.42 21.76 -14.86
N GLY D 221 25.24 22.24 -14.48
CA GLY D 221 25.11 23.49 -13.74
C GLY D 221 25.01 24.73 -14.60
N ASN D 222 24.55 24.56 -15.84
CA ASN D 222 24.28 25.68 -16.71
C ASN D 222 22.83 26.06 -16.69
N VAL D 223 22.54 27.27 -17.15
CA VAL D 223 21.21 27.77 -17.19
C VAL D 223 20.85 28.16 -18.62
N TYR D 224 19.66 27.74 -19.04
CA TYR D 224 19.10 28.08 -20.37
C TYR D 224 17.79 28.79 -20.19
N SER D 225 17.40 29.59 -21.19
CA SER D 225 16.19 30.37 -21.11
C SER D 225 15.36 30.27 -22.40
N ALA D 226 14.04 30.28 -22.24
CA ALA D 226 13.10 30.39 -23.36
C ALA D 226 12.20 31.58 -23.09
N ASP D 227 12.28 32.58 -23.95
CA ASP D 227 11.48 33.80 -23.79
C ASP D 227 10.28 33.76 -24.72
N PHE D 228 9.08 33.81 -24.15
CA PHE D 228 7.85 33.76 -24.96
C PHE D 228 6.98 35.01 -24.80
N SER D 229 7.64 36.15 -24.60
CA SER D 229 6.98 37.44 -24.55
C SER D 229 6.53 37.88 -25.96
N GLY D 230 7.26 37.44 -26.98
CA GLY D 230 7.00 37.84 -28.37
C GLY D 230 6.25 36.77 -29.14
N ASP D 231 6.15 36.95 -30.46
CA ASP D 231 5.36 36.06 -31.31
C ASP D 231 5.86 34.62 -31.26
N GLU D 232 7.17 34.46 -31.26
CA GLU D 232 7.79 33.15 -31.22
C GLU D 232 8.86 33.09 -30.13
N VAL D 233 9.18 31.87 -29.72
CA VAL D 233 10.05 31.66 -28.59
C VAL D 233 11.50 31.95 -28.97
N LYS D 234 12.17 32.75 -28.15
CA LYS D 234 13.58 33.03 -28.32
C LYS D 234 14.37 32.31 -27.24
N VAL D 235 15.40 31.56 -27.64
CA VAL D 235 16.15 30.73 -26.71
C VAL D 235 17.58 31.23 -26.54
N ASP D 236 18.13 31.01 -25.36
CA ASP D 236 19.51 31.35 -25.10
C ASP D 236 20.09 30.51 -23.96
N GLY D 237 21.38 30.74 -23.69
CA GLY D 237 22.17 29.94 -22.77
C GLY D 237 23.26 29.20 -23.50
N PRO D 238 24.29 28.74 -22.79
CA PRO D 238 24.25 28.62 -21.33
C PRO D 238 24.92 29.79 -20.62
N TRP D 239 24.51 30.03 -19.38
CA TRP D 239 25.37 30.66 -18.40
C TRP D 239 25.48 29.75 -17.22
N SER D 240 26.59 29.84 -16.50
CA SER D 240 26.90 28.91 -15.42
C SER D 240 26.41 29.40 -14.08
N LEU D 241 25.83 28.48 -13.30
CA LEU D 241 25.51 28.72 -11.89
C LEU D 241 26.76 28.79 -11.03
N LEU D 242 27.91 28.39 -11.59
CA LEU D 242 29.09 28.01 -10.83
C LEU D 242 30.20 29.05 -10.97
N ASN D 243 30.85 29.35 -9.84
CA ASN D 243 32.14 30.05 -9.85
C ASN D 243 33.29 29.05 -9.78
N ASP D 244 34.54 29.54 -9.75
CA ASP D 244 35.70 28.66 -9.83
C ASP D 244 35.74 27.70 -8.67
N GLU D 245 35.44 28.21 -7.48
CA GLU D 245 35.48 27.41 -6.26
C GLU D 245 34.43 26.31 -6.35
N ASP D 246 33.25 26.68 -6.84
CA ASP D 246 32.14 25.72 -7.08
C ASP D 246 32.57 24.61 -8.04
N LYS D 247 33.16 24.99 -9.17
CA LYS D 247 33.64 24.03 -10.15
C LYS D 247 34.70 23.09 -9.59
N ALA D 248 35.63 23.62 -8.78
CA ALA D 248 36.69 22.81 -8.20
C ALA D 248 36.14 21.72 -7.26
N LYS D 249 34.98 21.99 -6.66
CA LYS D 249 34.32 21.01 -5.79
C LYS D 249 33.21 20.25 -6.52
N ASN D 250 33.08 20.48 -7.83
CA ASN D 250 32.15 19.73 -8.68
C ASN D 250 30.71 19.82 -8.23
N TRP D 251 30.30 21.02 -7.84
CA TRP D 251 28.89 21.31 -7.55
C TRP D 251 28.04 21.25 -8.83
N VAL D 252 26.91 20.55 -8.76
CA VAL D 252 25.95 20.46 -9.86
C VAL D 252 24.57 20.35 -9.27
N PRO D 253 23.52 20.63 -10.09
CA PRO D 253 22.16 20.47 -9.57
C PRO D 253 21.75 19.02 -9.44
N GLY D 254 20.78 18.77 -8.58
CA GLY D 254 20.18 17.44 -8.52
C GLY D 254 18.84 17.47 -7.84
N GLY D 255 17.95 16.56 -8.26
CA GLY D 255 16.64 16.46 -7.70
C GLY D 255 15.64 16.12 -8.80
N TYR D 256 14.38 16.39 -8.50
CA TYR D 256 13.28 16.05 -9.39
C TYR D 256 12.57 17.35 -9.79
N ASN D 257 11.62 17.83 -9.03
CA ASN D 257 11.06 19.19 -9.21
C ASN D 257 12.02 20.18 -8.53
N LEU D 258 13.19 20.39 -9.14
CA LEU D 258 14.36 20.85 -8.41
C LEU D 258 14.63 22.35 -8.46
N VAL D 259 13.79 23.09 -9.18
CA VAL D 259 13.95 24.54 -9.32
C VAL D 259 12.66 25.28 -9.10
N GLY D 260 12.77 26.58 -8.85
CA GLY D 260 11.65 27.43 -8.72
C GLY D 260 12.06 28.85 -9.00
N LEU D 261 11.07 29.68 -9.34
CA LEU D 261 11.33 31.09 -9.59
C LEU D 261 10.38 31.90 -8.75
N HIS D 262 10.95 32.90 -8.07
CA HIS D 262 10.18 33.91 -7.42
C HIS D 262 10.06 35.06 -8.40
N ARG D 263 8.90 35.24 -8.98
CA ARG D 263 8.72 36.06 -10.17
C ARG D 263 8.96 37.54 -9.89
N ALA D 264 8.50 38.04 -8.74
CA ALA D 264 8.63 39.47 -8.46
C ALA D 264 10.09 39.92 -8.36
N SER D 265 10.95 39.05 -7.86
CA SER D 265 12.37 39.40 -7.66
C SER D 265 13.30 38.87 -8.73
N GLY D 266 12.85 37.87 -9.49
CA GLY D 266 13.69 37.16 -10.42
C GLY D 266 14.66 36.19 -9.78
N ARG D 267 14.44 35.87 -8.50
CA ARG D 267 15.30 34.90 -7.84
C ARG D 267 14.93 33.49 -8.26
N MET D 268 15.93 32.71 -8.63
CA MET D 268 15.75 31.29 -8.96
C MET D 268 16.38 30.43 -7.86
N TYR D 269 15.66 29.38 -7.46
CA TYR D 269 16.04 28.49 -6.38
C TYR D 269 16.38 27.16 -7.00
N VAL D 270 17.48 26.55 -6.58
CA VAL D 270 18.00 25.34 -7.20
C VAL D 270 18.66 24.43 -6.16
N PHE D 271 18.29 23.16 -6.13
CA PHE D 271 19.01 22.18 -5.33
C PHE D 271 20.33 21.79 -5.94
N MET D 272 21.38 21.80 -5.11
CA MET D 272 22.73 21.50 -5.54
C MET D 272 23.42 20.53 -4.61
N HIS D 273 24.39 19.81 -5.13
CA HIS D 273 25.23 18.95 -4.33
C HIS D 273 26.65 18.97 -4.87
N PRO D 274 27.65 18.72 -4.01
CA PRO D 274 29.05 18.63 -4.44
C PRO D 274 29.42 17.26 -5.00
N ASP D 275 30.66 17.13 -5.50
CA ASP D 275 31.16 15.85 -6.00
C ASP D 275 30.25 15.24 -7.05
N GLY D 276 29.73 16.10 -7.92
CA GLY D 276 28.88 15.68 -9.02
C GLY D 276 29.65 14.89 -10.04
N LYS D 277 28.98 13.93 -10.66
CA LYS D 277 29.55 13.13 -11.71
C LYS D 277 28.41 12.38 -12.36
N GLU D 278 28.71 11.60 -13.39
CA GLU D 278 27.70 10.83 -14.09
C GLU D 278 26.93 9.98 -13.11
N GLY D 279 25.62 10.17 -13.07
CA GLY D 279 24.74 9.41 -12.18
C GLY D 279 24.27 10.09 -10.91
N THR D 280 24.63 11.36 -10.69
CA THR D 280 24.25 12.06 -9.46
C THR D 280 23.12 13.07 -9.64
N HIS D 281 22.47 13.08 -10.81
CA HIS D 281 21.51 14.13 -11.11
C HIS D 281 20.19 14.08 -10.34
N LYS D 282 19.92 12.97 -9.66
CA LYS D 282 18.78 12.88 -8.77
C LYS D 282 19.16 12.78 -7.30
N PHE D 283 20.41 13.18 -6.97
CA PHE D 283 20.84 13.18 -5.56
C PHE D 283 20.11 14.25 -4.75
N PRO D 284 19.84 13.96 -3.47
CA PRO D 284 19.34 14.96 -2.55
C PRO D 284 20.21 16.22 -2.44
N ALA D 285 19.58 17.33 -2.11
CA ALA D 285 20.25 18.62 -2.03
C ALA D 285 21.14 18.68 -0.81
N ALA D 286 22.43 18.93 -1.03
CA ALA D 286 23.30 19.37 0.06
C ALA D 286 22.99 20.81 0.40
N GLU D 287 22.67 21.63 -0.61
CA GLU D 287 22.31 23.01 -0.39
C GLU D 287 21.22 23.47 -1.34
N ILE D 288 20.57 24.54 -0.99
CA ILE D 288 19.74 25.30 -1.92
C ILE D 288 20.51 26.56 -2.27
N TRP D 289 20.70 26.80 -3.55
CA TRP D 289 21.28 28.08 -4.01
C TRP D 289 20.19 28.99 -4.53
N VAL D 290 20.37 30.27 -4.26
CA VAL D 290 19.44 31.29 -4.69
C VAL D 290 20.20 32.19 -5.67
N MET D 291 19.73 32.24 -6.91
CA MET D 291 20.40 32.97 -7.98
C MET D 291 19.56 34.18 -8.37
N ASP D 292 20.23 35.30 -8.65
CA ASP D 292 19.57 36.43 -9.29
C ASP D 292 19.69 36.23 -10.80
N THR D 293 18.55 36.01 -11.46
CA THR D 293 18.55 35.68 -12.88
C THR D 293 18.87 36.88 -13.77
N LYS D 294 18.79 38.08 -13.21
CA LYS D 294 19.15 39.29 -13.95
C LYS D 294 20.66 39.51 -13.90
N THR D 295 21.25 39.41 -12.71
CA THR D 295 22.70 39.61 -12.55
C THR D 295 23.51 38.33 -12.79
N LYS D 296 22.83 37.18 -12.78
CA LYS D 296 23.47 35.87 -12.97
C LYS D 296 24.48 35.55 -11.88
N GLN D 297 24.19 36.04 -10.67
CA GLN D 297 25.02 35.84 -9.50
C GLN D 297 24.24 35.09 -8.43
N ARG D 298 24.94 34.25 -7.68
CA ARG D 298 24.37 33.63 -6.47
C ARG D 298 24.26 34.66 -5.35
N VAL D 299 23.07 34.77 -4.75
CA VAL D 299 22.82 35.71 -3.67
C VAL D 299 22.62 35.03 -2.31
N ALA D 300 22.42 33.71 -2.30
CA ALA D 300 22.36 32.96 -1.04
C ALA D 300 22.61 31.49 -1.27
N ARG D 301 23.10 30.83 -0.21
CA ARG D 301 23.22 29.38 -0.17
C ARG D 301 22.93 28.93 1.25
N ILE D 302 22.07 27.92 1.38
CA ILE D 302 21.62 27.42 2.69
C ILE D 302 21.57 25.91 2.66
N PRO D 303 21.56 25.26 3.84
CA PRO D 303 21.53 23.80 3.85
C PRO D 303 20.28 23.24 3.13
N GLY D 304 20.48 22.12 2.44
CA GLY D 304 19.44 21.55 1.55
C GLY D 304 18.47 20.62 2.26
N ARG D 305 18.85 20.11 3.43
CA ARG D 305 18.01 19.19 4.20
C ARG D 305 17.61 17.98 3.35
N ASP D 306 18.51 17.55 2.49
CA ASP D 306 18.30 16.38 1.61
C ASP D 306 17.03 16.48 0.76
N ALA D 307 16.66 17.69 0.43
CA ALA D 307 15.46 17.91 -0.36
C ALA D 307 15.66 17.50 -1.81
N LEU D 308 14.56 17.06 -2.42
CA LEU D 308 14.52 16.58 -3.81
C LEU D 308 13.59 17.40 -4.71
N SER D 309 12.52 17.91 -4.14
CA SER D 309 11.53 18.67 -4.89
C SER D 309 11.11 19.91 -4.10
N MET D 310 10.65 20.91 -4.83
CA MET D 310 10.15 22.16 -4.23
C MET D 310 8.97 22.72 -4.96
N THR D 311 8.39 23.78 -4.41
CA THR D 311 7.40 24.58 -5.10
C THR D 311 7.39 25.95 -4.47
N ILE D 312 6.95 26.96 -5.23
CA ILE D 312 7.02 28.34 -4.81
C ILE D 312 5.62 28.90 -4.82
N ASP D 313 5.27 29.68 -3.81
CA ASP D 313 4.05 30.45 -3.83
C ASP D 313 4.38 31.92 -4.01
N GLN D 314 3.93 32.50 -5.12
CA GLN D 314 4.25 33.89 -5.48
C GLN D 314 3.45 34.84 -4.57
N GLN D 315 2.27 34.40 -4.16
CA GLN D 315 1.34 35.27 -3.48
C GLN D 315 1.66 35.50 -1.99
N ARG D 316 2.32 34.53 -1.37
CA ARG D 316 2.75 34.62 0.04
C ARG D 316 4.29 34.59 0.19
N ASN D 317 5.02 34.55 -0.92
CA ASN D 317 6.48 34.54 -0.88
C ASN D 317 7.05 33.40 -0.04
N LEU D 318 6.64 32.19 -0.42
CA LEU D 318 7.04 30.96 0.27
C LEU D 318 7.67 29.96 -0.67
N MET D 319 8.51 29.12 -0.11
CA MET D 319 9.04 27.96 -0.81
C MET D 319 8.82 26.76 0.08
N LEU D 320 8.28 25.69 -0.50
CA LEU D 320 8.28 24.40 0.19
C LEU D 320 9.33 23.52 -0.38
N THR D 321 9.98 22.73 0.46
CA THR D 321 10.85 21.71 -0.04
C THR D 321 10.44 20.36 0.56
N LEU D 322 10.85 19.29 -0.09
CA LEU D 322 10.35 17.96 0.21
C LEU D 322 11.45 16.95 -0.04
N ASP D 323 11.74 16.12 0.96
CA ASP D 323 12.82 15.13 0.89
C ASP D 323 12.35 13.69 0.63
N GLY D 324 11.05 13.54 0.34
CA GLY D 324 10.42 12.21 0.11
C GLY D 324 9.38 11.96 1.15
N GLY D 325 9.60 12.49 2.36
CA GLY D 325 8.71 12.23 3.49
C GLY D 325 8.33 13.44 4.32
N ASN D 326 9.22 14.44 4.35
CA ASN D 326 9.05 15.62 5.21
C ASN D 326 8.98 16.90 4.36
N VAL D 327 8.13 17.85 4.75
CA VAL D 327 7.99 19.11 4.02
C VAL D 327 8.58 20.25 4.88
N ASN D 328 9.50 21.00 4.29
CA ASN D 328 10.07 22.19 4.92
C ASN D 328 9.43 23.42 4.36
N VAL D 329 9.08 24.35 5.24
CA VAL D 329 8.40 25.58 4.85
C VAL D 329 9.38 26.73 5.03
N TYR D 330 9.65 27.47 3.94
CA TYR D 330 10.56 28.62 3.95
C TYR D 330 9.86 29.92 3.59
N ASP D 331 10.28 30.99 4.28
CA ASP D 331 9.93 32.38 3.91
C ASP D 331 11.00 32.85 2.96
N ILE D 332 10.62 33.23 1.73
CA ILE D 332 11.57 33.71 0.72
C ILE D 332 11.28 35.17 0.29
N SER D 333 10.70 35.95 1.19
CA SER D 333 10.48 37.37 0.95
C SER D 333 11.78 38.19 0.88
N GLN D 334 12.89 37.66 1.41
CA GLN D 334 14.22 38.26 1.26
C GLN D 334 15.16 37.26 0.57
N PRO D 335 16.30 37.72 0.01
CA PRO D 335 17.22 36.85 -0.69
C PRO D 335 17.64 35.56 0.05
N GLU D 336 17.92 35.64 1.35
CA GLU D 336 18.20 34.43 2.10
C GLU D 336 16.91 33.82 2.61
N PRO D 337 16.63 32.55 2.22
CA PRO D 337 15.42 31.94 2.73
C PRO D 337 15.52 31.71 4.23
N LYS D 338 14.38 31.78 4.90
CA LYS D 338 14.30 31.48 6.34
C LYS D 338 13.42 30.27 6.59
N LEU D 339 13.94 29.27 7.28
CA LEU D 339 13.18 28.06 7.57
C LEU D 339 12.19 28.34 8.69
N LEU D 340 10.90 28.13 8.43
CA LEU D 340 9.83 28.35 9.41
C LEU D 340 9.48 27.10 10.24
N ARG D 341 9.41 25.94 9.57
CA ARG D 341 9.07 24.69 10.23
C ARG D 341 9.26 23.53 9.26
N THR D 342 9.26 22.33 9.83
CA THR D 342 9.27 21.08 9.06
C THR D 342 8.04 20.28 9.46
N ILE D 343 7.33 19.77 8.47
CA ILE D 343 6.19 18.88 8.68
C ILE D 343 6.72 17.49 8.47
N GLU D 344 6.84 16.74 9.56
CA GLU D 344 7.42 15.43 9.51
C GLU D 344 6.37 14.39 9.14
N GLY D 345 6.74 13.43 8.32
CA GLY D 345 5.85 12.31 8.05
C GLY D 345 4.65 12.68 7.20
N ALA D 346 4.83 13.65 6.31
CA ALA D 346 3.77 14.09 5.42
C ALA D 346 3.47 13.06 4.31
N ALA D 347 4.43 12.20 4.03
CA ALA D 347 4.26 11.17 3.02
C ALA D 347 5.25 10.07 3.27
N GLU D 348 5.00 8.92 2.66
CA GLU D 348 5.98 7.87 2.62
C GLU D 348 6.92 7.96 1.45
N ALA D 349 6.40 8.38 0.30
CA ALA D 349 7.21 8.47 -0.90
C ALA D 349 6.67 9.52 -1.84
N SER D 350 6.95 10.78 -1.54
CA SER D 350 6.47 11.88 -2.33
C SER D 350 7.59 12.65 -2.96
N LEU D 351 7.42 12.97 -4.24
CA LEU D 351 8.35 13.84 -4.97
C LEU D 351 7.66 15.10 -5.48
N GLN D 352 6.48 15.38 -4.96
CA GLN D 352 5.75 16.57 -5.38
C GLN D 352 4.85 17.15 -4.30
N VAL D 353 5.03 18.44 -4.00
CA VAL D 353 4.12 19.19 -3.17
C VAL D 353 3.64 20.48 -3.93
N GLN D 354 2.42 20.89 -3.65
CA GLN D 354 1.83 22.05 -4.30
C GLN D 354 0.97 22.81 -3.32
N PHE D 355 0.97 24.13 -3.47
CA PHE D 355 0.07 24.97 -2.69
C PHE D 355 -1.32 24.97 -3.27
N HIS D 356 -2.34 25.16 -2.42
CA HIS D 356 -3.65 25.55 -2.92
C HIS D 356 -3.54 26.95 -3.49
N PRO D 357 -4.04 27.18 -4.71
CA PRO D 357 -3.89 28.50 -5.32
C PRO D 357 -4.68 29.57 -4.58
N VAL D 358 -4.01 30.71 -4.44
CA VAL D 358 -4.58 31.95 -3.99
C VAL D 358 -4.37 32.97 -5.10
N GLY D 359 -5.46 33.61 -5.48
CA GLY D 359 -5.38 34.66 -6.49
C GLY D 359 -4.77 34.13 -7.77
N GLY D 360 -3.80 34.86 -8.32
CA GLY D 360 -3.04 34.41 -9.50
C GLY D 360 -3.58 34.85 -10.84
N THR D 361 -4.69 35.57 -10.88
CA THR D 361 -5.21 36.16 -12.13
C THR D 361 -4.16 37.07 -12.75
N ABN E . 11.24 1.13 -13.81
C ABN E . 11.14 2.20 -12.79
C1 ABN E . 9.66 2.56 -12.51
C2 ABN E . 8.68 1.58 -12.34
C3 ABN E . 7.37 1.95 -12.05
C4 ABN E . 7.06 3.30 -11.89
C5 ABN E . 8.03 4.28 -12.05
C6 ABN E . 9.34 3.90 -12.35
N ABN F . 10.69 2.73 -13.35
C ABN F . 9.65 1.99 -12.60
C1 ABN F . 8.47 2.87 -12.24
C2 ABN F . 7.26 2.27 -11.94
C3 ABN F . 6.14 3.06 -11.63
C4 ABN F . 6.25 4.45 -11.61
C5 ABN F . 7.47 5.05 -11.89
C6 ABN F . 8.58 4.27 -12.22
N ABN G . -11.08 -2.88 12.71
C ABN G . -10.88 -2.17 11.43
C1 ABN G . -10.50 -3.19 10.42
C2 ABN G . -10.52 -2.87 9.08
C3 ABN G . -10.18 -3.83 8.13
C4 ABN G . -9.83 -5.11 8.53
C5 ABN G . -9.82 -5.41 9.89
C6 ABN G . -10.16 -4.47 10.84
#